data_7SDR
#
_entry.id   7SDR
#
_cell.length_a   99.074
_cell.length_b   112.605
_cell.length_c   127.677
_cell.angle_alpha   90.000
_cell.angle_beta   90.000
_cell.angle_gamma   90.000
#
_symmetry.space_group_name_H-M   'P 21 21 21'
#
loop_
_entity.id
_entity.type
_entity.pdbx_description
1 polymer 'Non-structural protein 3'
2 non-polymer 4-({methyl[(1R)-1-(naphthalen-1-yl)ethyl]amino}methyl)phenol
3 non-polymer 'ZINC ION'
4 non-polymer 1,2-ETHANEDIOL
5 non-polymer 'CHLORIDE ION'
6 non-polymer GLYCEROL
7 water water
#
_entity_poly.entity_id   1
_entity_poly.type   'polypeptide(L)'
_entity_poly.pdbx_seq_one_letter_code
;SNAEVRTIKVFTTVDNINLHTQVVDMSMTYGQQFGPTYLDGADVTKIKPHNSHEGKTFYVLPNDDTLRVEAFEYYHTTDP
SFLGRYMSALNHTKKWKYPQVNGLTSIKWADNNCYLATALLTLQQIELKFNPPALQDAYYRARAGEAANFCALILAYCNK
TVGELGDVRETMSYLFQHANLDSCKRVLNVVCKTCGQQQTTLKGVEAVMYMGTLSYEQFKKGVQIPCTCGKQATKYLVQQ
ESPFVMMSAPPAQYELKHGTFTCASEYTGNYQCGHYKHITSKETLYCIDGALLTKSSEYKGPITDVFYKENSYTTTIK
;
_entity_poly.pdbx_strand_id   A,B,C
#
loop_
_chem_comp.id
_chem_comp.type
_chem_comp.name
_chem_comp.formula
CL non-polymer 'CHLORIDE ION' 'Cl -1'
EDO non-polymer 1,2-ETHANEDIOL 'C2 H6 O2'
GOL non-polymer GLYCEROL 'C3 H8 O3'
JW9 non-polymer 4-({methyl[(1R)-1-(naphthalen-1-yl)ethyl]amino}methyl)phenol 'C20 H21 N O'
ZN non-polymer 'ZINC ION' 'Zn 2'
#
# COMPACT_ATOMS: atom_id res chain seq x y z
N VAL A 5 57.50 9.68 -27.57
CA VAL A 5 56.08 9.21 -27.30
C VAL A 5 55.55 8.47 -28.55
N ARG A 6 55.44 7.14 -28.50
CA ARG A 6 54.73 6.37 -29.55
C ARG A 6 53.27 6.19 -29.12
N THR A 7 52.36 6.16 -30.08
CA THR A 7 50.89 6.07 -29.87
C THR A 7 50.26 5.21 -30.96
N ILE A 8 49.12 4.59 -30.65
CA ILE A 8 48.17 4.01 -31.65
C ILE A 8 46.79 4.68 -31.45
N LYS A 9 45.92 4.47 -32.44
CA LYS A 9 44.49 4.83 -32.44
C LYS A 9 43.69 3.56 -32.19
N VAL A 10 42.81 3.62 -31.19
CA VAL A 10 41.77 2.59 -30.88
C VAL A 10 40.41 3.31 -30.86
N PHE A 11 39.33 2.54 -30.89
CA PHE A 11 37.97 3.00 -30.53
C PHE A 11 37.64 2.56 -29.09
N THR A 12 37.03 3.45 -28.31
CA THR A 12 36.31 3.10 -27.08
C THR A 12 34.80 3.22 -27.34
N THR A 13 34.03 2.50 -26.55
CA THR A 13 32.57 2.33 -26.69
C THR A 13 32.02 1.80 -25.37
N VAL A 14 30.75 2.08 -25.09
CA VAL A 14 29.97 1.44 -24.00
C VAL A 14 28.95 0.48 -24.62
N ASP A 15 28.63 0.61 -25.91
CA ASP A 15 27.49 -0.10 -26.55
C ASP A 15 27.90 -0.84 -27.81
N ASN A 16 29.11 -0.60 -28.32
CA ASN A 16 29.62 -1.17 -29.59
C ASN A 16 28.73 -0.75 -30.77
N ILE A 17 28.01 0.36 -30.64
CA ILE A 17 27.22 1.02 -31.72
C ILE A 17 27.92 2.36 -32.05
N ASN A 18 28.37 3.06 -31.02
CA ASN A 18 29.00 4.40 -31.07
C ASN A 18 30.47 4.23 -30.67
N LEU A 19 31.36 4.31 -31.65
CA LEU A 19 32.81 4.16 -31.45
C LEU A 19 33.43 5.55 -31.33
N HIS A 20 34.34 5.74 -30.39
CA HIS A 20 34.98 7.02 -30.05
C HIS A 20 36.48 6.87 -30.27
N THR A 21 37.05 7.45 -31.32
CA THR A 21 38.49 7.35 -31.64
C THR A 21 39.28 7.97 -30.48
N GLN A 22 40.26 7.23 -29.96
CA GLN A 22 41.21 7.70 -28.92
C GLN A 22 42.65 7.51 -29.39
N VAL A 23 43.52 8.46 -29.01
CA VAL A 23 45.00 8.31 -29.12
C VAL A 23 45.51 7.78 -27.78
N VAL A 24 46.18 6.63 -27.78
CA VAL A 24 46.68 5.99 -26.53
C VAL A 24 48.22 6.03 -26.52
N ASP A 25 48.77 6.48 -25.40
CA ASP A 25 50.21 6.51 -25.05
C ASP A 25 50.65 5.07 -24.74
N MET A 26 51.54 4.49 -25.53
CA MET A 26 51.91 3.06 -25.40
C MET A 26 52.79 2.81 -24.17
N SER A 27 53.24 3.85 -23.48
CA SER A 27 54.03 3.75 -22.23
C SER A 27 53.10 3.43 -21.04
N MET A 28 51.85 3.92 -21.04
CA MET A 28 50.84 3.80 -19.95
C MET A 28 49.90 2.60 -20.18
N THR A 29 49.30 2.04 -19.10
CA THR A 29 48.25 1.00 -19.16
C THR A 29 46.95 1.62 -19.69
N TYR A 30 46.05 0.78 -20.21
CA TYR A 30 44.68 1.19 -20.61
C TYR A 30 43.93 1.75 -19.40
N GLY A 31 44.16 1.15 -18.23
CA GLY A 31 43.57 1.57 -16.94
C GLY A 31 43.93 3.00 -16.61
N GLN A 32 45.19 3.38 -16.78
CA GLN A 32 45.68 4.75 -16.48
C GLN A 32 44.94 5.76 -17.35
N GLN A 33 44.68 5.43 -18.63
CA GLN A 33 44.14 6.36 -19.66
C GLN A 33 42.61 6.40 -19.63
N PHE A 34 41.93 5.25 -19.65
CA PHE A 34 40.46 5.14 -19.84
C PHE A 34 39.71 4.68 -18.59
N GLY A 35 40.40 4.19 -17.56
CA GLY A 35 39.78 3.47 -16.43
C GLY A 35 39.64 1.98 -16.76
N PRO A 36 38.74 1.24 -16.07
CA PRO A 36 38.49 -0.16 -16.41
C PRO A 36 38.15 -0.29 -17.91
N THR A 37 38.78 -1.24 -18.57
CA THR A 37 38.79 -1.39 -20.05
C THR A 37 38.76 -2.87 -20.41
N TYR A 38 38.00 -3.20 -21.44
CA TYR A 38 37.78 -4.60 -21.87
C TYR A 38 37.99 -4.70 -23.37
N LEU A 39 38.66 -5.77 -23.77
CA LEU A 39 38.87 -6.12 -25.20
C LEU A 39 38.26 -7.49 -25.46
N ASP A 40 37.15 -7.51 -26.21
CA ASP A 40 36.39 -8.75 -26.51
C ASP A 40 36.09 -9.48 -25.19
N GLY A 41 35.70 -8.76 -24.14
CA GLY A 41 35.31 -9.35 -22.83
C GLY A 41 36.48 -9.45 -21.84
N ALA A 42 37.72 -9.47 -22.30
CA ALA A 42 38.93 -9.65 -21.44
C ALA A 42 39.32 -8.35 -20.74
N ASP A 43 39.46 -8.37 -19.42
CA ASP A 43 39.91 -7.19 -18.63
C ASP A 43 41.36 -6.86 -19.01
N VAL A 44 41.57 -5.72 -19.68
CA VAL A 44 42.92 -5.26 -20.14
C VAL A 44 43.33 -4.03 -19.33
N THR A 45 42.63 -3.73 -18.24
CA THR A 45 42.90 -2.55 -17.37
C THR A 45 44.40 -2.44 -17.06
N LYS A 46 45.04 -3.55 -16.71
CA LYS A 46 46.42 -3.59 -16.15
C LYS A 46 47.43 -3.91 -17.25
N ILE A 47 47.00 -4.01 -18.50
CA ILE A 47 47.83 -4.32 -19.69
C ILE A 47 48.23 -3.01 -20.41
N LYS A 48 49.40 -2.98 -21.05
CA LYS A 48 49.89 -1.85 -21.88
C LYS A 48 49.49 -2.12 -23.33
N PRO A 49 49.22 -1.06 -24.14
CA PRO A 49 48.91 -1.24 -25.55
C PRO A 49 49.96 -2.03 -26.34
N HIS A 50 49.48 -2.81 -27.31
CA HIS A 50 50.28 -3.63 -28.26
C HIS A 50 49.98 -3.07 -29.66
N ASN A 51 50.95 -3.12 -30.57
CA ASN A 51 50.82 -2.55 -31.94
C ASN A 51 49.61 -3.18 -32.65
N SER A 52 49.28 -4.44 -32.33
CA SER A 52 48.20 -5.21 -32.98
C SER A 52 46.82 -4.68 -32.56
N HIS A 53 46.77 -3.77 -31.57
CA HIS A 53 45.52 -3.17 -31.03
C HIS A 53 45.06 -1.99 -31.90
N GLU A 54 45.89 -1.54 -32.85
CA GLU A 54 45.54 -0.49 -33.86
C GLU A 54 44.17 -0.79 -34.45
N GLY A 55 43.21 0.10 -34.23
CA GLY A 55 41.90 0.07 -34.91
C GLY A 55 40.90 -0.86 -34.27
N LYS A 56 41.18 -1.39 -33.08
CA LYS A 56 40.28 -2.34 -32.36
C LYS A 56 39.37 -1.59 -31.39
N THR A 57 38.22 -2.19 -31.07
CA THR A 57 37.17 -1.62 -30.22
C THR A 57 37.34 -2.15 -28.79
N PHE A 58 37.54 -1.23 -27.84
CA PHE A 58 37.61 -1.51 -26.38
C PHE A 58 36.33 -0.99 -25.73
N TYR A 59 35.77 -1.75 -24.78
CA TYR A 59 34.66 -1.30 -23.91
C TYR A 59 35.28 -0.60 -22.70
N VAL A 60 34.63 0.46 -22.22
CA VAL A 60 35.05 1.27 -21.03
C VAL A 60 33.80 1.54 -20.20
N LEU A 61 33.94 1.85 -18.92
CA LEU A 61 32.75 2.22 -18.09
C LEU A 61 32.30 3.61 -18.49
N PRO A 62 30.99 3.92 -18.41
CA PRO A 62 30.52 5.28 -18.65
C PRO A 62 31.04 6.22 -17.54
N ASN A 63 32.12 6.95 -17.84
CA ASN A 63 32.84 7.85 -16.90
C ASN A 63 32.62 9.32 -17.28
N ASP A 64 31.70 9.62 -18.22
CA ASP A 64 31.35 10.99 -18.67
C ASP A 64 29.89 11.01 -19.14
N ASP A 65 29.29 12.19 -19.31
CA ASP A 65 27.83 12.34 -19.51
C ASP A 65 27.39 11.82 -20.89
N THR A 66 28.24 11.96 -21.91
CA THR A 66 27.98 11.41 -23.26
C THR A 66 27.78 9.90 -23.15
N LEU A 67 28.73 9.22 -22.50
CA LEU A 67 28.78 7.75 -22.37
C LEU A 67 27.64 7.25 -21.48
N ARG A 68 27.34 7.95 -20.37
CA ARG A 68 26.23 7.58 -19.46
C ARG A 68 24.95 7.53 -20.27
N VAL A 69 24.75 8.49 -21.16
CA VAL A 69 23.50 8.60 -21.98
C VAL A 69 23.47 7.47 -23.00
N GLU A 70 24.58 7.22 -23.70
CA GLU A 70 24.71 6.10 -24.69
C GLU A 70 24.41 4.78 -23.99
N ALA A 71 25.01 4.53 -22.84
CA ALA A 71 24.87 3.29 -22.05
C ALA A 71 23.42 3.12 -21.62
N PHE A 72 22.82 4.15 -21.04
CA PHE A 72 21.41 4.09 -20.62
C PHE A 72 20.52 3.81 -21.85
N GLU A 73 20.76 4.43 -23.00
CA GLU A 73 19.86 4.28 -24.17
C GLU A 73 19.96 2.84 -24.71
N TYR A 74 21.11 2.16 -24.53
CA TYR A 74 21.35 0.81 -25.09
C TYR A 74 20.87 -0.31 -24.15
N TYR A 75 21.22 -0.20 -22.85
CA TYR A 75 21.02 -1.26 -21.83
C TYR A 75 19.77 -0.99 -20.98
N HIS A 76 19.27 0.25 -20.94
CA HIS A 76 18.12 0.70 -20.09
C HIS A 76 18.38 0.38 -18.62
N THR A 77 19.57 0.68 -18.13
CA THR A 77 19.92 0.61 -16.68
C THR A 77 20.95 1.69 -16.42
N THR A 78 20.98 2.22 -15.20
CA THR A 78 22.01 3.18 -14.73
C THR A 78 22.97 2.48 -13.78
N ASP A 79 22.78 1.19 -13.50
CA ASP A 79 23.60 0.44 -12.50
C ASP A 79 25.06 0.50 -12.95
N PRO A 80 25.95 1.19 -12.19
CA PRO A 80 27.35 1.33 -12.60
C PRO A 80 28.11 0.00 -12.76
N SER A 81 27.68 -1.05 -12.06
CA SER A 81 28.36 -2.37 -12.04
C SER A 81 28.01 -3.19 -13.28
N PHE A 82 27.00 -2.76 -14.05
CA PHE A 82 26.35 -3.57 -15.12
C PHE A 82 27.36 -3.93 -16.20
N LEU A 83 28.12 -2.98 -16.72
CA LEU A 83 29.05 -3.31 -17.84
C LEU A 83 30.10 -4.32 -17.35
N GLY A 84 30.65 -4.11 -16.17
CA GLY A 84 31.59 -5.07 -15.55
C GLY A 84 31.01 -6.48 -15.44
N ARG A 85 29.73 -6.60 -15.10
CA ARG A 85 29.10 -7.94 -14.88
C ARG A 85 28.84 -8.59 -16.25
N TYR A 86 28.38 -7.82 -17.23
CA TYR A 86 28.18 -8.26 -18.63
C TYR A 86 29.50 -8.82 -19.18
N MET A 87 30.60 -8.05 -19.05
CA MET A 87 31.94 -8.43 -19.57
C MET A 87 32.45 -9.68 -18.83
N SER A 88 32.32 -9.76 -17.49
CA SER A 88 32.74 -10.94 -16.68
C SER A 88 32.10 -12.18 -17.27
N ALA A 89 30.80 -12.11 -17.56
CA ALA A 89 29.95 -13.25 -17.98
C ALA A 89 30.28 -13.61 -19.42
N LEU A 90 30.38 -12.60 -20.29
CA LEU A 90 30.67 -12.74 -21.75
C LEU A 90 31.98 -13.49 -21.91
N ASN A 91 32.93 -13.22 -21.03
CA ASN A 91 34.26 -13.87 -21.06
C ASN A 91 34.10 -15.39 -20.97
N HIS A 92 33.08 -15.88 -20.26
CA HIS A 92 32.74 -17.32 -20.15
C HIS A 92 31.76 -17.72 -21.26
N THR A 93 30.74 -16.92 -21.57
CA THR A 93 29.67 -17.39 -22.48
C THR A 93 30.23 -17.46 -23.90
N LYS A 94 31.32 -16.76 -24.20
CA LYS A 94 31.87 -16.79 -25.58
C LYS A 94 32.62 -18.12 -25.79
N LYS A 95 32.91 -18.89 -24.74
CA LYS A 95 33.55 -20.26 -24.78
C LYS A 95 32.49 -21.39 -24.74
N TRP A 96 31.20 -21.07 -24.62
CA TRP A 96 30.12 -22.09 -24.70
C TRP A 96 29.89 -22.45 -26.16
N LYS A 97 29.37 -23.64 -26.41
CA LYS A 97 28.91 -24.12 -27.74
C LYS A 97 27.38 -23.92 -27.80
N TYR A 98 26.89 -23.47 -28.95
CA TYR A 98 25.46 -23.15 -29.20
C TYR A 98 24.97 -24.02 -30.34
N PRO A 99 24.70 -25.32 -30.07
CA PRO A 99 24.16 -26.24 -31.05
C PRO A 99 22.84 -25.82 -31.68
N GLN A 100 22.67 -26.04 -32.97
CA GLN A 100 21.35 -25.98 -33.62
C GLN A 100 20.69 -27.32 -33.37
N VAL A 101 19.55 -27.30 -32.69
CA VAL A 101 18.73 -28.50 -32.40
C VAL A 101 17.33 -28.20 -32.91
N ASN A 102 16.84 -28.95 -33.89
CA ASN A 102 15.43 -28.87 -34.35
C ASN A 102 15.14 -27.44 -34.79
N GLY A 103 16.09 -26.76 -35.46
CA GLY A 103 15.89 -25.41 -36.02
C GLY A 103 16.09 -24.29 -34.99
N LEU A 104 16.52 -24.62 -33.76
CA LEU A 104 16.61 -23.68 -32.63
C LEU A 104 18.03 -23.65 -32.08
N THR A 105 18.45 -22.50 -31.59
CA THR A 105 19.76 -22.32 -30.93
C THR A 105 19.62 -22.81 -29.50
N SER A 106 20.34 -23.85 -29.13
CA SER A 106 20.42 -24.38 -27.73
C SER A 106 21.78 -23.99 -27.15
N ILE A 107 22.18 -24.58 -26.02
CA ILE A 107 23.52 -24.41 -25.39
C ILE A 107 23.99 -25.78 -24.90
N LYS A 108 25.22 -26.18 -25.24
CA LYS A 108 25.83 -27.44 -24.74
C LYS A 108 26.03 -27.28 -23.24
N TRP A 109 25.67 -28.28 -22.44
CA TRP A 109 25.74 -28.15 -20.96
C TRP A 109 27.14 -27.70 -20.54
N ALA A 110 27.22 -26.62 -19.76
CA ALA A 110 28.42 -26.17 -19.02
C ALA A 110 27.96 -25.20 -17.93
N ASP A 111 28.63 -25.20 -16.78
CA ASP A 111 28.54 -24.13 -15.75
C ASP A 111 27.10 -24.00 -15.24
N ASN A 112 26.38 -25.12 -15.14
CA ASN A 112 24.95 -25.14 -14.71
C ASN A 112 24.11 -24.19 -15.58
N ASN A 113 24.27 -24.23 -16.88
CA ASN A 113 23.59 -23.31 -17.82
C ASN A 113 22.30 -23.95 -18.37
N CYS A 114 21.80 -25.03 -17.76
CA CYS A 114 20.63 -25.76 -18.31
C CYS A 114 19.39 -24.84 -18.25
N TYR A 115 19.30 -23.97 -17.24
CA TYR A 115 18.15 -23.05 -17.09
C TYR A 115 18.22 -21.99 -18.19
N LEU A 116 19.42 -21.52 -18.56
CA LEU A 116 19.59 -20.50 -19.62
C LEU A 116 19.25 -21.14 -20.97
N ALA A 117 19.71 -22.37 -21.21
CA ALA A 117 19.38 -23.09 -22.46
C ALA A 117 17.85 -23.15 -22.58
N THR A 118 17.16 -23.54 -21.51
CA THR A 118 15.69 -23.72 -21.53
C THR A 118 15.00 -22.37 -21.77
N ALA A 119 15.52 -21.28 -21.17
CA ALA A 119 14.97 -19.91 -21.33
C ALA A 119 15.15 -19.47 -22.78
N LEU A 120 16.35 -19.70 -23.31
CA LEU A 120 16.76 -19.31 -24.69
C LEU A 120 15.88 -20.05 -25.70
N LEU A 121 15.69 -21.35 -25.53
CA LEU A 121 14.83 -22.16 -26.43
C LEU A 121 13.39 -21.65 -26.34
N THR A 122 12.94 -21.27 -25.15
CA THR A 122 11.55 -20.79 -24.94
C THR A 122 11.38 -19.47 -25.69
N LEU A 123 12.34 -18.56 -25.56
CA LEU A 123 12.27 -17.21 -26.18
C LEU A 123 12.19 -17.28 -27.71
N GLN A 124 12.70 -18.35 -28.33
CA GLN A 124 12.67 -18.52 -29.80
C GLN A 124 11.28 -18.97 -30.26
N GLN A 125 10.36 -19.27 -29.33
CA GLN A 125 9.06 -19.91 -29.70
C GLN A 125 7.88 -19.07 -29.21
N ILE A 126 8.09 -17.99 -28.45
CA ILE A 126 6.96 -17.11 -28.00
C ILE A 126 7.17 -15.73 -28.59
N GLU A 127 6.07 -15.02 -28.87
CA GLU A 127 6.06 -13.71 -29.53
C GLU A 127 6.31 -12.62 -28.49
N LEU A 128 7.51 -12.08 -28.47
CA LEU A 128 8.02 -11.17 -27.41
C LEU A 128 8.93 -10.15 -28.07
N LYS A 129 8.85 -8.90 -27.66
CA LYS A 129 9.62 -7.78 -28.23
C LYS A 129 10.36 -7.12 -27.07
N PHE A 130 11.69 -7.17 -27.06
CA PHE A 130 12.51 -6.50 -26.01
C PHE A 130 12.54 -4.99 -26.22
N ASN A 131 12.64 -4.22 -25.13
CA ASN A 131 12.72 -2.73 -25.16
C ASN A 131 14.17 -2.32 -25.30
N PRO A 132 15.10 -2.79 -24.44
CA PRO A 132 16.52 -2.42 -24.58
C PRO A 132 17.12 -2.87 -25.90
N PRO A 133 17.68 -1.92 -26.69
CA PRO A 133 18.39 -2.28 -27.91
C PRO A 133 19.38 -3.40 -27.67
N ALA A 134 20.06 -3.42 -26.52
CA ALA A 134 21.08 -4.44 -26.18
C ALA A 134 20.47 -5.84 -26.29
N LEU A 135 19.25 -6.02 -25.78
CA LEU A 135 18.55 -7.33 -25.79
C LEU A 135 17.99 -7.61 -27.19
N GLN A 136 17.40 -6.62 -27.88
CA GLN A 136 16.92 -6.79 -29.28
C GLN A 136 18.07 -7.34 -30.12
N ASP A 137 19.22 -6.66 -30.09
CA ASP A 137 20.41 -6.94 -30.94
C ASP A 137 20.96 -8.32 -30.56
N ALA A 138 21.21 -8.56 -29.28
CA ALA A 138 21.79 -9.83 -28.80
C ALA A 138 20.85 -11.03 -29.10
N TYR A 139 19.54 -10.84 -29.07
CA TYR A 139 18.54 -11.91 -29.33
C TYR A 139 18.63 -12.30 -30.82
N TYR A 140 18.81 -11.35 -31.72
CA TYR A 140 18.84 -11.60 -33.18
CA TYR A 140 18.87 -11.54 -33.19
C TYR A 140 20.14 -12.33 -33.54
N ARG A 141 21.22 -12.07 -32.82
CA ARG A 141 22.51 -12.76 -32.98
C ARG A 141 22.36 -14.20 -32.47
N ALA A 142 21.54 -14.42 -31.44
CA ALA A 142 21.28 -15.76 -30.84
C ALA A 142 20.44 -16.61 -31.79
N ARG A 143 19.40 -16.01 -32.39
CA ARG A 143 18.50 -16.60 -33.43
C ARG A 143 19.38 -17.06 -34.61
N ALA A 144 20.52 -16.39 -34.83
CA ALA A 144 21.46 -16.68 -35.93
C ALA A 144 22.60 -17.63 -35.50
N GLY A 145 22.66 -18.04 -34.24
CA GLY A 145 23.56 -19.13 -33.78
C GLY A 145 24.60 -18.69 -32.76
N GLU A 146 24.84 -17.39 -32.60
CA GLU A 146 25.88 -16.84 -31.69
C GLU A 146 25.17 -16.18 -30.52
N ALA A 147 24.90 -16.93 -29.47
CA ALA A 147 24.02 -16.51 -28.35
C ALA A 147 24.83 -16.01 -27.15
N ALA A 148 26.15 -15.93 -27.28
CA ALA A 148 27.09 -15.61 -26.18
C ALA A 148 26.74 -14.25 -25.58
N ASN A 149 26.42 -13.25 -26.39
CA ASN A 149 26.09 -11.90 -25.88
C ASN A 149 24.75 -11.95 -25.16
N PHE A 150 23.77 -12.65 -25.75
CA PHE A 150 22.41 -12.72 -25.20
C PHE A 150 22.50 -13.36 -23.81
N CYS A 151 23.23 -14.45 -23.71
CA CYS A 151 23.39 -15.21 -22.43
C CYS A 151 24.05 -14.32 -21.39
N ALA A 152 25.08 -13.58 -21.77
CA ALA A 152 25.86 -12.74 -20.84
C ALA A 152 24.96 -11.61 -20.35
N LEU A 153 24.13 -11.06 -21.24
CA LEU A 153 23.18 -9.97 -20.91
C LEU A 153 22.13 -10.51 -19.94
N ILE A 154 21.55 -11.67 -20.23
CA ILE A 154 20.55 -12.28 -19.31
C ILE A 154 21.19 -12.42 -17.94
N LEU A 155 22.41 -12.94 -17.85
CA LEU A 155 23.13 -13.10 -16.56
C LEU A 155 23.27 -11.73 -15.89
N ALA A 156 23.63 -10.71 -16.64
CA ALA A 156 23.83 -9.34 -16.09
C ALA A 156 22.49 -8.74 -15.64
N TYR A 157 21.46 -8.80 -16.48
CA TYR A 157 20.13 -8.24 -16.18
C TYR A 157 19.52 -8.95 -14.96
N CYS A 158 19.83 -10.23 -14.74
CA CYS A 158 19.27 -11.03 -13.61
C CYS A 158 20.15 -10.93 -12.37
N ASN A 159 21.29 -10.26 -12.44
CA ASN A 159 22.27 -10.18 -11.33
C ASN A 159 22.70 -11.59 -10.93
N LYS A 160 22.97 -12.46 -11.88
CA LYS A 160 23.52 -13.81 -11.68
C LYS A 160 24.91 -13.91 -12.32
N THR A 161 25.77 -14.74 -11.75
CA THR A 161 27.12 -15.04 -12.25
C THR A 161 27.07 -16.40 -12.95
N VAL A 162 27.93 -16.58 -13.93
CA VAL A 162 28.17 -17.89 -14.58
C VAL A 162 28.50 -18.90 -13.48
N GLY A 163 27.95 -20.11 -13.55
CA GLY A 163 28.18 -21.16 -12.55
C GLY A 163 27.05 -21.28 -11.54
N GLU A 164 26.33 -20.20 -11.22
CA GLU A 164 25.19 -20.22 -10.26
C GLU A 164 24.03 -21.06 -10.83
N LEU A 165 23.37 -21.84 -9.98
CA LEU A 165 22.17 -22.62 -10.35
C LEU A 165 21.02 -21.62 -10.56
N GLY A 166 20.15 -21.84 -11.54
CA GLY A 166 19.11 -20.86 -11.84
C GLY A 166 17.74 -21.47 -11.98
N ASP A 167 16.74 -20.59 -11.98
CA ASP A 167 15.31 -20.94 -12.14
C ASP A 167 14.84 -20.31 -13.46
N VAL A 168 14.25 -21.12 -14.33
CA VAL A 168 13.70 -20.63 -15.62
C VAL A 168 12.65 -19.56 -15.31
N ARG A 169 11.71 -19.84 -14.40
CA ARG A 169 10.60 -18.91 -14.09
C ARG A 169 11.14 -17.56 -13.62
N GLU A 170 12.07 -17.54 -12.66
CA GLU A 170 12.67 -16.31 -12.07
C GLU A 170 13.35 -15.53 -13.20
N THR A 171 14.05 -16.25 -14.08
CA THR A 171 14.76 -15.66 -15.25
C THR A 171 13.75 -15.03 -16.23
N MET A 172 12.68 -15.73 -16.61
CA MET A 172 11.70 -15.18 -17.59
C MET A 172 11.04 -13.96 -16.94
N SER A 173 10.90 -13.95 -15.63
CA SER A 173 10.18 -12.87 -14.93
C SER A 173 11.03 -11.58 -15.00
N TYR A 174 12.37 -11.66 -14.90
CA TYR A 174 13.28 -10.50 -15.08
C TYR A 174 13.27 -10.06 -16.55
N LEU A 175 13.35 -11.00 -17.48
CA LEU A 175 13.36 -10.71 -18.93
C LEU A 175 12.04 -10.07 -19.33
N PHE A 176 10.90 -10.57 -18.85
CA PHE A 176 9.57 -9.98 -19.15
C PHE A 176 9.50 -8.54 -18.63
N GLN A 177 10.23 -8.15 -17.57
CA GLN A 177 10.25 -6.72 -17.09
C GLN A 177 10.79 -5.82 -18.22
N HIS A 178 11.64 -6.37 -19.08
CA HIS A 178 12.33 -5.61 -20.15
C HIS A 178 11.68 -5.91 -21.51
N ALA A 179 10.49 -6.50 -21.52
CA ALA A 179 9.76 -6.78 -22.77
C ALA A 179 8.58 -5.82 -22.85
N ASN A 180 8.06 -5.58 -24.04
CA ASN A 180 6.87 -4.69 -24.15
C ASN A 180 5.63 -5.55 -24.00
N LEU A 181 5.07 -5.61 -22.78
CA LEU A 181 3.90 -6.42 -22.39
C LEU A 181 2.84 -5.51 -21.76
N ASP A 182 2.82 -4.24 -22.14
CA ASP A 182 2.05 -3.18 -21.44
C ASP A 182 0.57 -3.38 -21.77
N SER A 183 0.27 -3.75 -23.03
CA SER A 183 -1.10 -3.97 -23.55
C SER A 183 -1.56 -5.44 -23.33
N CYS A 184 -0.92 -6.18 -22.40
CA CYS A 184 -1.34 -7.52 -21.91
C CYS A 184 -2.26 -7.32 -20.71
N LYS A 185 -3.33 -8.09 -20.64
CA LYS A 185 -4.40 -7.87 -19.64
C LYS A 185 -4.94 -9.23 -19.20
N ARG A 186 -5.20 -9.42 -17.93
CA ARG A 186 -5.82 -10.65 -17.39
C ARG A 186 -6.92 -10.24 -16.43
N VAL A 187 -8.09 -10.87 -16.50
CA VAL A 187 -9.19 -10.65 -15.52
C VAL A 187 -9.46 -11.99 -14.85
N LEU A 188 -9.39 -12.04 -13.53
CA LEU A 188 -9.66 -13.25 -12.74
C LEU A 188 -10.94 -13.02 -11.95
N ASN A 189 -11.64 -14.09 -11.61
CA ASN A 189 -12.73 -14.04 -10.61
C ASN A 189 -12.43 -15.15 -9.60
N VAL A 190 -12.48 -14.82 -8.31
CA VAL A 190 -12.32 -15.77 -7.19
C VAL A 190 -13.68 -15.90 -6.51
N VAL A 191 -14.08 -17.12 -6.23
CA VAL A 191 -15.38 -17.47 -5.55
C VAL A 191 -15.05 -18.21 -4.25
N CYS A 192 -15.45 -17.63 -3.13
CA CYS A 192 -15.42 -18.23 -1.77
C CYS A 192 -16.87 -18.40 -1.31
N LYS A 193 -17.19 -19.54 -0.73
CA LYS A 193 -18.50 -19.81 -0.07
C LYS A 193 -18.70 -18.82 1.10
N THR A 194 -17.62 -18.47 1.80
CA THR A 194 -17.60 -17.56 2.98
C THR A 194 -17.63 -16.09 2.52
N CYS A 195 -16.63 -15.66 1.73
CA CYS A 195 -16.33 -14.23 1.44
C CYS A 195 -17.06 -13.70 0.21
N GLY A 196 -17.68 -14.56 -0.61
CA GLY A 196 -18.31 -14.12 -1.87
C GLY A 196 -17.30 -13.97 -3.00
N GLN A 197 -17.64 -13.24 -4.07
CA GLN A 197 -16.83 -13.15 -5.31
C GLN A 197 -15.88 -11.97 -5.22
N GLN A 198 -14.79 -12.01 -5.99
CA GLN A 198 -13.81 -10.91 -6.07
C GLN A 198 -13.22 -10.91 -7.47
N GLN A 199 -13.45 -9.85 -8.26
CA GLN A 199 -12.88 -9.71 -9.63
C GLN A 199 -11.66 -8.81 -9.61
N THR A 200 -10.57 -9.22 -10.25
CA THR A 200 -9.29 -8.47 -10.29
C THR A 200 -8.83 -8.34 -11.75
N THR A 201 -8.18 -7.24 -12.11
CA THR A 201 -7.53 -7.09 -13.43
C THR A 201 -6.03 -6.92 -13.20
N LEU A 202 -5.22 -7.64 -13.97
CA LEU A 202 -3.72 -7.60 -13.94
C LEU A 202 -3.21 -7.10 -15.28
N LYS A 203 -2.13 -6.31 -15.28
CA LYS A 203 -1.48 -5.76 -16.48
C LYS A 203 0.00 -6.18 -16.51
N GLY A 204 0.56 -6.30 -17.70
CA GLY A 204 2.01 -6.57 -17.86
C GLY A 204 2.38 -7.96 -17.42
N VAL A 205 3.46 -8.11 -16.66
CA VAL A 205 4.08 -9.43 -16.40
C VAL A 205 3.11 -10.29 -15.62
N GLU A 206 2.44 -9.71 -14.62
CA GLU A 206 1.46 -10.44 -13.77
C GLU A 206 0.31 -10.98 -14.63
N ALA A 207 0.09 -10.43 -15.81
CA ALA A 207 -1.00 -10.83 -16.72
C ALA A 207 -0.62 -12.04 -17.57
N VAL A 208 0.68 -12.36 -17.71
CA VAL A 208 1.13 -13.53 -18.54
C VAL A 208 1.71 -14.66 -17.70
N MET A 209 1.95 -14.47 -16.40
CA MET A 209 2.57 -15.51 -15.54
C MET A 209 1.58 -15.93 -14.46
N TYR A 210 1.45 -17.23 -14.19
CA TYR A 210 0.69 -17.76 -13.03
C TYR A 210 1.49 -18.89 -12.37
N MET A 211 1.61 -18.84 -11.04
CA MET A 211 2.27 -19.88 -10.22
C MET A 211 1.19 -20.69 -9.47
N GLY A 212 1.15 -22.01 -9.66
CA GLY A 212 0.25 -22.92 -8.92
C GLY A 212 -0.40 -24.01 -9.76
N THR A 213 -0.48 -23.83 -11.08
CA THR A 213 -1.12 -24.78 -12.02
C THR A 213 -0.36 -24.76 -13.34
N LEU A 214 -0.17 -25.92 -13.98
CA LEU A 214 0.45 -26.02 -15.33
C LEU A 214 -0.64 -25.93 -16.41
N SER A 215 -1.88 -26.28 -16.08
CA SER A 215 -2.95 -26.48 -17.08
C SER A 215 -3.65 -25.16 -17.36
N TYR A 216 -3.58 -24.67 -18.60
CA TYR A 216 -4.28 -23.44 -19.02
C TYR A 216 -5.79 -23.72 -19.03
N GLU A 217 -6.17 -24.94 -19.39
CA GLU A 217 -7.59 -25.39 -19.45
C GLU A 217 -8.14 -25.44 -18.02
N GLN A 218 -7.36 -25.91 -17.06
CA GLN A 218 -7.83 -25.98 -15.65
C GLN A 218 -8.04 -24.56 -15.13
N PHE A 219 -7.21 -23.61 -15.54
CA PHE A 219 -7.25 -22.19 -15.09
C PHE A 219 -8.54 -21.58 -15.63
N LYS A 220 -9.01 -22.02 -16.81
CA LYS A 220 -10.27 -21.52 -17.41
C LYS A 220 -11.49 -22.09 -16.69
N LYS A 221 -11.44 -23.34 -16.24
CA LYS A 221 -12.52 -24.05 -15.51
C LYS A 221 -12.55 -23.66 -14.04
N GLY A 222 -11.40 -23.30 -13.45
CA GLY A 222 -11.29 -22.95 -12.02
C GLY A 222 -10.30 -23.84 -11.28
N VAL A 223 -9.53 -23.27 -10.34
CA VAL A 223 -8.48 -23.98 -9.56
C VAL A 223 -8.67 -23.61 -8.10
N GLN A 224 -8.33 -24.52 -7.20
CA GLN A 224 -8.47 -24.32 -5.74
C GLN A 224 -7.24 -23.52 -5.28
N ILE A 225 -7.50 -22.45 -4.55
CA ILE A 225 -6.46 -21.60 -3.88
C ILE A 225 -6.94 -21.36 -2.46
N PRO A 226 -6.01 -21.22 -1.49
CA PRO A 226 -6.37 -20.79 -0.14
C PRO A 226 -6.90 -19.34 -0.15
N CYS A 227 -8.08 -19.14 0.43
CA CYS A 227 -8.67 -17.81 0.71
C CYS A 227 -7.95 -17.25 1.95
N THR A 228 -8.11 -15.96 2.24
CA THR A 228 -7.56 -15.31 3.46
C THR A 228 -8.33 -15.81 4.68
N CYS A 229 -9.57 -16.29 4.48
CA CYS A 229 -10.50 -16.71 5.56
C CYS A 229 -10.13 -18.10 6.08
N GLY A 230 -9.30 -18.85 5.35
CA GLY A 230 -8.76 -20.16 5.75
C GLY A 230 -9.38 -21.31 4.97
N LYS A 231 -10.54 -21.10 4.34
CA LYS A 231 -11.19 -22.05 3.41
C LYS A 231 -10.42 -22.09 2.07
N GLN A 232 -10.78 -23.07 1.23
CA GLN A 232 -10.41 -23.12 -0.21
C GLN A 232 -11.44 -22.32 -1.01
N ALA A 233 -10.96 -21.53 -1.97
CA ALA A 233 -11.82 -20.81 -2.93
C ALA A 233 -11.41 -21.19 -4.35
N THR A 234 -12.27 -20.88 -5.31
CA THR A 234 -12.09 -21.20 -6.75
C THR A 234 -11.72 -19.92 -7.50
N LYS A 235 -10.56 -19.92 -8.15
CA LYS A 235 -10.08 -18.85 -9.06
C LYS A 235 -10.22 -19.36 -10.49
N TYR A 236 -10.79 -18.55 -11.37
CA TYR A 236 -10.95 -18.89 -12.81
C TYR A 236 -10.66 -17.66 -13.65
N LEU A 237 -10.27 -17.92 -14.88
CA LEU A 237 -9.82 -16.89 -15.85
C LEU A 237 -11.05 -16.37 -16.58
N VAL A 238 -11.34 -15.09 -16.44
CA VAL A 238 -12.50 -14.42 -17.07
C VAL A 238 -12.08 -13.92 -18.45
N GLN A 239 -10.95 -13.23 -18.55
CA GLN A 239 -10.47 -12.63 -19.82
C GLN A 239 -8.94 -12.63 -19.88
N GLN A 240 -8.35 -12.91 -21.03
CA GLN A 240 -6.90 -12.92 -21.29
C GLN A 240 -6.59 -12.24 -22.62
N GLU A 241 -5.81 -11.17 -22.64
CA GLU A 241 -5.26 -10.56 -23.88
C GLU A 241 -3.74 -10.61 -23.78
N SER A 242 -3.10 -11.50 -24.53
CA SER A 242 -1.62 -11.62 -24.58
C SER A 242 -1.23 -12.57 -25.69
N PRO A 243 -0.02 -12.42 -26.27
CA PRO A 243 0.45 -13.35 -27.31
C PRO A 243 0.81 -14.76 -26.82
N PHE A 244 1.05 -14.91 -25.51
CA PHE A 244 1.33 -16.21 -24.85
C PHE A 244 0.89 -16.11 -23.40
N VAL A 245 0.81 -17.26 -22.72
CA VAL A 245 0.82 -17.31 -21.24
C VAL A 245 1.80 -18.38 -20.78
N MET A 246 2.39 -18.11 -19.62
CA MET A 246 3.27 -19.01 -18.85
C MET A 246 2.53 -19.47 -17.58
N MET A 247 2.26 -20.77 -17.50
CA MET A 247 1.68 -21.46 -16.31
C MET A 247 2.81 -22.25 -15.66
N SER A 248 3.02 -22.04 -14.36
CA SER A 248 4.15 -22.60 -13.59
C SER A 248 3.62 -23.26 -12.32
N ALA A 249 4.33 -24.23 -11.79
CA ALA A 249 4.00 -24.85 -10.49
C ALA A 249 5.22 -25.62 -10.02
N PRO A 250 5.31 -25.91 -8.69
CA PRO A 250 6.40 -26.75 -8.21
C PRO A 250 6.33 -28.05 -9.00
N PRO A 251 7.50 -28.63 -9.33
CA PRO A 251 7.57 -29.73 -10.28
C PRO A 251 6.72 -30.91 -9.83
N ALA A 252 5.99 -31.49 -10.75
CA ALA A 252 5.15 -32.69 -10.50
C ALA A 252 5.06 -33.51 -11.79
N GLN A 253 4.79 -34.81 -11.67
CA GLN A 253 4.48 -35.69 -12.82
C GLN A 253 3.30 -35.06 -13.57
N TYR A 254 3.45 -34.87 -14.88
CA TYR A 254 2.46 -34.19 -15.74
C TYR A 254 2.56 -34.76 -17.14
N GLU A 255 1.41 -34.89 -17.82
CA GLU A 255 1.27 -35.43 -19.19
C GLU A 255 1.21 -34.25 -20.15
N LEU A 256 2.10 -34.21 -21.13
CA LEU A 256 2.07 -33.20 -22.22
C LEU A 256 1.55 -33.85 -23.50
N LYS A 257 0.42 -33.38 -24.02
CA LYS A 257 -0.21 -33.89 -25.26
C LYS A 257 0.20 -33.01 -26.45
N HIS A 258 0.75 -33.62 -27.50
CA HIS A 258 1.09 -32.96 -28.80
C HIS A 258 -0.06 -32.02 -29.20
N GLY A 259 0.26 -30.78 -29.59
CA GLY A 259 -0.69 -29.82 -30.17
C GLY A 259 -1.49 -29.01 -29.13
N THR A 260 -1.29 -29.23 -27.82
CA THR A 260 -2.10 -28.56 -26.75
C THR A 260 -1.31 -27.48 -26.00
N PHE A 261 -0.07 -27.21 -26.42
CA PHE A 261 0.91 -26.31 -25.74
C PHE A 261 2.04 -25.98 -26.70
N THR A 262 2.75 -24.88 -26.45
CA THR A 262 3.90 -24.45 -27.27
C THR A 262 5.17 -25.19 -26.85
N CYS A 263 5.60 -25.00 -25.61
CA CYS A 263 6.82 -25.66 -25.06
C CYS A 263 6.72 -25.71 -23.53
N ALA A 264 7.64 -26.42 -22.88
CA ALA A 264 7.57 -26.65 -21.42
C ALA A 264 8.96 -26.89 -20.85
N SER A 265 9.09 -26.69 -19.54
CA SER A 265 10.34 -26.88 -18.78
C SER A 265 10.16 -28.12 -17.93
N GLU A 266 10.97 -29.15 -18.17
CA GLU A 266 11.06 -30.34 -17.30
C GLU A 266 12.17 -30.06 -16.31
N TYR A 267 11.99 -30.42 -15.05
CA TYR A 267 13.00 -30.22 -13.98
C TYR A 267 13.08 -31.47 -13.11
N THR A 268 14.26 -32.07 -13.05
CA THR A 268 14.49 -33.34 -12.33
C THR A 268 15.53 -33.07 -11.25
N GLY A 269 15.13 -33.22 -9.99
CA GLY A 269 15.99 -32.87 -8.84
C GLY A 269 15.15 -32.28 -7.72
N ASN A 270 15.81 -31.52 -6.85
CA ASN A 270 15.17 -30.81 -5.72
C ASN A 270 15.56 -29.34 -5.84
N TYR A 271 15.01 -28.49 -4.97
CA TYR A 271 15.22 -27.03 -5.01
C TYR A 271 16.74 -26.75 -5.15
N GLN A 272 17.57 -27.65 -4.63
CA GLN A 272 18.97 -27.34 -4.25
C GLN A 272 19.90 -27.77 -5.40
N CYS A 273 19.63 -28.93 -5.99
CA CYS A 273 20.36 -29.51 -7.14
C CYS A 273 19.37 -30.20 -8.09
N GLY A 274 19.42 -29.82 -9.36
CA GLY A 274 18.50 -30.36 -10.37
C GLY A 274 18.97 -29.99 -11.77
N HIS A 275 18.28 -30.56 -12.76
CA HIS A 275 18.61 -30.42 -14.20
C HIS A 275 17.32 -30.09 -14.98
N TYR A 276 17.36 -29.05 -15.81
CA TYR A 276 16.25 -28.71 -16.72
C TYR A 276 16.41 -29.38 -18.08
N LYS A 277 15.31 -29.81 -18.68
CA LYS A 277 15.20 -30.10 -20.12
C LYS A 277 14.05 -29.26 -20.69
N HIS A 278 14.02 -29.13 -21.99
CA HIS A 278 13.02 -28.33 -22.72
C HIS A 278 12.21 -29.30 -23.57
N ILE A 279 10.89 -29.20 -23.52
CA ILE A 279 9.97 -30.01 -24.38
C ILE A 279 9.24 -29.06 -25.31
N THR A 280 9.23 -29.33 -26.62
CA THR A 280 8.50 -28.51 -27.60
C THR A 280 7.59 -29.40 -28.44
N SER A 281 6.37 -28.93 -28.74
CA SER A 281 5.38 -29.57 -29.63
C SER A 281 5.57 -29.04 -31.05
N LYS A 282 6.00 -29.90 -31.98
CA LYS A 282 6.04 -29.58 -33.44
C LYS A 282 5.06 -30.55 -34.12
N GLU A 283 5.52 -31.31 -35.11
CA GLU A 283 4.76 -32.42 -35.76
C GLU A 283 4.66 -33.62 -34.79
N THR A 284 5.61 -33.72 -33.85
CA THR A 284 5.59 -34.60 -32.67
C THR A 284 6.25 -33.86 -31.49
N LEU A 285 6.54 -34.54 -30.38
CA LEU A 285 7.13 -33.94 -29.16
C LEU A 285 8.64 -34.18 -29.16
N TYR A 286 9.43 -33.11 -29.16
CA TYR A 286 10.90 -33.12 -29.06
C TYR A 286 11.31 -32.71 -27.65
N CYS A 287 12.26 -33.43 -27.06
CA CYS A 287 12.92 -33.06 -25.80
C CYS A 287 14.37 -32.63 -26.10
N ILE A 288 14.66 -31.35 -25.96
CA ILE A 288 15.99 -30.75 -26.21
C ILE A 288 16.67 -30.62 -24.85
N ASP A 289 17.82 -31.28 -24.69
CA ASP A 289 18.57 -31.34 -23.41
C ASP A 289 19.99 -30.85 -23.68
N GLY A 290 20.15 -29.54 -23.85
CA GLY A 290 21.41 -28.94 -24.30
C GLY A 290 21.65 -29.28 -25.75
N ALA A 291 22.68 -30.09 -26.02
CA ALA A 291 23.02 -30.57 -27.39
C ALA A 291 22.17 -31.79 -27.76
N LEU A 292 21.64 -32.52 -26.77
CA LEU A 292 21.04 -33.88 -26.96
C LEU A 292 19.57 -33.72 -27.33
N LEU A 293 19.07 -34.54 -28.25
CA LEU A 293 17.69 -34.48 -28.79
C LEU A 293 17.07 -35.88 -28.71
N THR A 294 15.84 -35.99 -28.21
CA THR A 294 15.01 -37.21 -28.32
C THR A 294 13.62 -36.79 -28.78
N LYS A 295 12.84 -37.71 -29.30
CA LYS A 295 11.43 -37.42 -29.64
C LYS A 295 10.55 -38.61 -29.22
N SER A 296 9.26 -38.35 -29.11
CA SER A 296 8.24 -39.32 -28.70
C SER A 296 6.88 -38.75 -29.10
N SER A 297 5.85 -39.59 -29.23
CA SER A 297 4.46 -39.16 -29.51
C SER A 297 3.88 -38.59 -28.21
N GLU A 298 4.28 -39.16 -27.07
CA GLU A 298 3.76 -38.83 -25.72
C GLU A 298 4.91 -38.51 -24.74
N TYR A 299 4.61 -37.69 -23.73
CA TYR A 299 5.50 -37.31 -22.61
C TYR A 299 4.72 -37.34 -21.27
N LYS A 300 5.32 -37.99 -20.27
CA LYS A 300 4.96 -37.92 -18.83
C LYS A 300 6.25 -37.64 -18.07
N GLY A 301 6.31 -36.61 -17.23
CA GLY A 301 7.57 -36.25 -16.55
C GLY A 301 7.37 -35.09 -15.59
N PRO A 302 8.41 -34.74 -14.81
CA PRO A 302 8.30 -33.67 -13.82
C PRO A 302 8.39 -32.28 -14.49
N ILE A 303 7.24 -31.69 -14.81
CA ILE A 303 7.12 -30.38 -15.52
C ILE A 303 6.93 -29.28 -14.49
N THR A 304 7.55 -28.12 -14.70
CA THR A 304 7.47 -26.95 -13.77
C THR A 304 6.95 -25.71 -14.49
N ASP A 305 7.12 -25.58 -15.80
CA ASP A 305 6.56 -24.45 -16.59
C ASP A 305 5.99 -25.00 -17.89
N VAL A 306 4.83 -24.50 -18.31
CA VAL A 306 4.28 -24.74 -19.68
C VAL A 306 3.93 -23.40 -20.32
N PHE A 307 4.27 -23.22 -21.60
CA PHE A 307 3.94 -22.01 -22.40
C PHE A 307 2.84 -22.36 -23.41
N TYR A 308 1.84 -21.48 -23.51
CA TYR A 308 0.67 -21.62 -24.41
C TYR A 308 0.61 -20.43 -25.34
N LYS A 309 0.24 -20.65 -26.61
CA LYS A 309 -0.07 -19.59 -27.58
C LYS A 309 -1.43 -19.01 -27.18
N GLU A 310 -1.61 -17.70 -27.33
CA GLU A 310 -2.85 -16.98 -26.95
C GLU A 310 -2.93 -15.71 -27.81
N ASN A 311 -4.12 -15.14 -27.88
CA ASN A 311 -4.39 -13.86 -28.59
C ASN A 311 -5.39 -13.09 -27.75
N SER A 312 -6.59 -13.65 -27.66
CA SER A 312 -7.77 -13.07 -26.97
C SER A 312 -8.68 -14.21 -26.48
N TYR A 313 -8.94 -14.31 -25.19
CA TYR A 313 -9.91 -15.26 -24.59
C TYR A 313 -10.91 -14.48 -23.73
N THR A 314 -12.19 -14.81 -23.83
CA THR A 314 -13.26 -14.38 -22.90
C THR A 314 -14.00 -15.64 -22.45
N THR A 315 -14.28 -15.78 -21.16
CA THR A 315 -14.95 -16.98 -20.56
C THR A 315 -16.39 -16.99 -21.09
N THR A 316 -17.06 -18.14 -21.05
CA THR A 316 -18.53 -18.28 -21.32
C THR A 316 -19.32 -18.46 -20.01
N ILE A 317 -18.63 -18.67 -18.87
CA ILE A 317 -19.21 -18.62 -17.49
C ILE A 317 -19.84 -17.25 -17.25
N LYS A 318 -21.09 -17.24 -16.75
CA LYS A 318 -21.89 -16.00 -16.44
C LYS A 318 -22.14 -15.92 -14.91
N VAL B 5 18.87 49.08 4.41
CA VAL B 5 17.93 47.91 4.32
C VAL B 5 16.63 48.36 3.63
N ARG B 6 16.33 47.81 2.45
CA ARG B 6 14.97 47.88 1.85
C ARG B 6 14.17 46.67 2.37
N THR B 7 12.86 46.87 2.52
CA THR B 7 11.91 45.90 3.09
C THR B 7 10.59 46.00 2.32
N ILE B 8 9.81 44.92 2.31
CA ILE B 8 8.37 44.96 1.93
C ILE B 8 7.53 44.45 3.10
N LYS B 9 6.22 44.70 2.98
CA LYS B 9 5.15 44.16 3.87
C LYS B 9 4.47 42.98 3.16
N VAL B 10 4.43 41.85 3.85
CA VAL B 10 3.64 40.64 3.48
C VAL B 10 2.73 40.31 4.67
N PHE B 11 1.73 39.48 4.42
CA PHE B 11 0.96 38.78 5.49
C PHE B 11 1.48 37.33 5.64
N THR B 12 1.64 36.89 6.88
CA THR B 12 1.75 35.45 7.22
C THR B 12 0.43 34.99 7.88
N THR B 13 0.16 33.70 7.76
CA THR B 13 -1.10 33.03 8.17
C THR B 13 -0.84 31.53 8.30
N VAL B 14 -1.63 30.85 9.14
CA VAL B 14 -1.72 29.37 9.13
C VAL B 14 -3.07 28.94 8.55
N ASP B 15 -4.04 29.83 8.44
CA ASP B 15 -5.44 29.47 8.08
C ASP B 15 -5.99 30.32 6.92
N ASN B 16 -5.28 31.36 6.51
CA ASN B 16 -5.73 32.32 5.48
C ASN B 16 -7.04 33.02 5.89
N ILE B 17 -7.35 33.07 7.18
CA ILE B 17 -8.50 33.81 7.79
C ILE B 17 -7.92 34.97 8.63
N ASN B 18 -6.82 34.70 9.33
CA ASN B 18 -6.11 35.62 10.24
C ASN B 18 -4.75 35.93 9.61
N LEU B 19 -4.62 37.13 9.06
CA LEU B 19 -3.40 37.61 8.39
C LEU B 19 -2.60 38.44 9.40
N HIS B 20 -1.29 38.24 9.42
CA HIS B 20 -0.36 38.87 10.37
C HIS B 20 0.64 39.66 9.55
N THR B 21 0.58 41.00 9.59
CA THR B 21 1.51 41.89 8.82
C THR B 21 2.92 41.65 9.33
N GLN B 22 3.85 41.38 8.42
CA GLN B 22 5.31 41.27 8.72
C GLN B 22 6.09 42.22 7.82
N VAL B 23 7.12 42.85 8.39
CA VAL B 23 8.18 43.57 7.63
C VAL B 23 9.31 42.57 7.37
N VAL B 24 9.64 42.37 6.10
CA VAL B 24 10.65 41.34 5.71
C VAL B 24 11.88 42.05 5.15
N ASP B 25 13.04 41.66 5.69
CA ASP B 25 14.41 42.07 5.27
C ASP B 25 14.72 41.38 3.94
N MET B 26 14.88 42.14 2.86
CA MET B 26 15.04 41.55 1.50
C MET B 26 16.43 40.95 1.32
N SER B 27 17.35 41.14 2.26
CA SER B 27 18.72 40.56 2.23
C SER B 27 18.66 39.07 2.63
N MET B 28 17.77 38.69 3.57
CA MET B 28 17.66 37.30 4.12
C MET B 28 16.58 36.49 3.38
N THR B 29 16.65 35.15 3.42
CA THR B 29 15.58 34.23 2.90
C THR B 29 14.37 34.31 3.83
N TYR B 30 13.18 33.95 3.31
CA TYR B 30 11.93 33.78 4.10
C TYR B 30 12.18 32.76 5.24
N GLY B 31 12.94 31.70 4.94
CA GLY B 31 13.33 30.64 5.89
C GLY B 31 14.04 31.18 7.10
N GLN B 32 15.00 32.07 6.90
CA GLN B 32 15.81 32.67 8.00
C GLN B 32 14.89 33.47 8.92
N GLN B 33 13.89 34.17 8.38
CA GLN B 33 13.01 35.12 9.14
C GLN B 33 11.82 34.37 9.77
N PHE B 34 11.06 33.57 9.00
CA PHE B 34 9.76 32.98 9.43
C PHE B 34 9.84 31.46 9.69
N GLY B 35 10.90 30.78 9.25
CA GLY B 35 10.95 29.32 9.16
C GLY B 35 10.39 28.85 7.82
N PRO B 36 9.99 27.56 7.71
CA PRO B 36 9.35 27.09 6.48
C PRO B 36 8.16 27.99 6.10
N THR B 37 8.09 28.37 4.82
CA THR B 37 7.19 29.43 4.30
C THR B 37 6.69 29.04 2.91
N TYR B 38 5.41 29.27 2.63
CA TYR B 38 4.77 28.80 1.37
C TYR B 38 3.93 29.92 0.75
N LEU B 39 3.98 30.04 -0.58
CA LEU B 39 3.14 30.98 -1.36
C LEU B 39 2.26 30.17 -2.32
N ASP B 40 0.96 30.11 -2.05
CA ASP B 40 -0.01 29.27 -2.81
C ASP B 40 0.54 27.86 -2.95
N GLY B 41 1.09 27.31 -1.86
CA GLY B 41 1.60 25.93 -1.79
C GLY B 41 3.06 25.77 -2.19
N ALA B 42 3.67 26.75 -2.87
CA ALA B 42 5.09 26.70 -3.32
C ALA B 42 6.04 26.97 -2.15
N ASP B 43 6.95 26.05 -1.84
CA ASP B 43 7.96 26.19 -0.76
C ASP B 43 8.91 27.32 -1.18
N VAL B 44 8.86 28.45 -0.48
CA VAL B 44 9.71 29.64 -0.74
C VAL B 44 10.72 29.81 0.41
N THR B 45 10.87 28.80 1.27
CA THR B 45 11.80 28.82 2.43
C THR B 45 13.18 29.33 2.00
N LYS B 46 13.73 28.87 0.88
CA LYS B 46 15.14 29.13 0.47
C LYS B 46 15.20 30.26 -0.55
N ILE B 47 14.08 30.93 -0.83
CA ILE B 47 13.97 32.11 -1.74
C ILE B 47 14.07 33.41 -0.93
N LYS B 48 14.65 34.45 -1.53
CA LYS B 48 14.71 35.82 -0.97
C LYS B 48 13.53 36.60 -1.53
N PRO B 49 12.92 37.52 -0.74
CA PRO B 49 11.75 38.27 -1.20
C PRO B 49 11.95 38.99 -2.54
N HIS B 50 10.86 39.08 -3.32
CA HIS B 50 10.75 39.79 -4.62
C HIS B 50 9.80 40.96 -4.38
N ASN B 51 10.02 42.11 -5.04
CA ASN B 51 9.16 43.32 -4.87
C ASN B 51 7.71 42.97 -5.24
N SER B 52 7.49 42.01 -6.11
CA SER B 52 6.14 41.53 -6.56
C SER B 52 5.36 40.88 -5.41
N HIS B 53 6.04 40.54 -4.29
CA HIS B 53 5.46 39.87 -3.10
C HIS B 53 4.76 40.86 -2.17
N GLU B 54 4.91 42.16 -2.39
CA GLU B 54 4.24 43.24 -1.62
C GLU B 54 2.76 42.90 -1.48
N GLY B 55 2.29 42.73 -0.26
CA GLY B 55 0.85 42.65 0.05
C GLY B 55 0.30 41.24 -0.06
N LYS B 56 1.13 40.22 -0.34
CA LYS B 56 0.68 38.83 -0.60
C LYS B 56 0.73 38.00 0.67
N THR B 57 -0.12 36.97 0.72
CA THR B 57 -0.31 36.07 1.89
C THR B 57 0.57 34.83 1.74
N PHE B 58 1.45 34.61 2.71
CA PHE B 58 2.32 33.42 2.82
C PHE B 58 1.82 32.57 3.98
N TYR B 59 1.88 31.24 3.82
CA TYR B 59 1.62 30.26 4.92
C TYR B 59 2.94 30.01 5.63
N VAL B 60 2.88 29.81 6.94
CA VAL B 60 4.06 29.46 7.80
C VAL B 60 3.63 28.34 8.74
N LEU B 61 4.55 27.61 9.35
CA LEU B 61 4.19 26.56 10.34
C LEU B 61 3.81 27.25 11.64
N PRO B 62 2.88 26.67 12.42
CA PRO B 62 2.58 27.22 13.74
C PRO B 62 3.77 27.04 14.69
N ASN B 63 4.63 28.06 14.81
CA ASN B 63 5.88 28.03 15.63
C ASN B 63 5.75 29.00 16.83
N ASP B 64 4.52 29.42 17.17
CA ASP B 64 4.20 30.19 18.40
C ASP B 64 2.76 29.83 18.84
N ASP B 65 2.37 30.19 20.05
CA ASP B 65 1.13 29.70 20.70
C ASP B 65 -0.10 30.33 20.04
N THR B 66 -0.02 31.56 19.56
CA THR B 66 -1.11 32.24 18.82
C THR B 66 -1.45 31.41 17.57
N LEU B 67 -0.43 31.06 16.78
CA LEU B 67 -0.58 30.31 15.52
C LEU B 67 -1.05 28.87 15.79
N ARG B 68 -0.50 28.20 16.81
CA ARG B 68 -0.92 26.83 17.21
C ARG B 68 -2.42 26.83 17.46
N VAL B 69 -2.93 27.86 18.14
CA VAL B 69 -4.38 27.99 18.48
C VAL B 69 -5.19 28.21 17.19
N GLU B 70 -4.77 29.13 16.33
CA GLU B 70 -5.44 29.45 15.04
C GLU B 70 -5.51 28.17 14.19
N ALA B 71 -4.39 27.45 14.06
CA ALA B 71 -4.25 26.22 13.28
C ALA B 71 -5.21 25.15 13.82
N PHE B 72 -5.17 24.90 15.13
CA PHE B 72 -6.08 23.89 15.73
C PHE B 72 -7.53 24.31 15.48
N GLU B 73 -7.89 25.59 15.60
CA GLU B 73 -9.31 26.01 15.49
C GLU B 73 -9.80 25.81 14.06
N TYR B 74 -8.91 25.89 13.06
CA TYR B 74 -9.27 25.85 11.63
C TYR B 74 -9.31 24.40 11.10
N TYR B 75 -8.26 23.63 11.39
CA TYR B 75 -7.99 22.28 10.82
C TYR B 75 -8.43 21.17 11.78
N HIS B 76 -8.58 21.45 13.08
CA HIS B 76 -8.93 20.47 14.14
C HIS B 76 -7.90 19.33 14.17
N THR B 77 -6.61 19.63 14.12
CA THR B 77 -5.54 18.63 14.35
C THR B 77 -4.40 19.31 15.10
N THR B 78 -3.65 18.56 15.87
CA THR B 78 -2.45 19.02 16.59
C THR B 78 -1.19 18.54 15.85
N ASP B 79 -1.33 17.77 14.76
CA ASP B 79 -0.17 17.15 14.07
C ASP B 79 0.70 18.29 13.51
N PRO B 80 1.94 18.47 14.02
CA PRO B 80 2.79 19.57 13.54
C PRO B 80 3.15 19.52 12.04
N SER B 81 3.11 18.32 11.43
CA SER B 81 3.49 18.09 10.01
C SER B 81 2.36 18.49 9.06
N PHE B 82 1.16 18.74 9.59
CA PHE B 82 -0.09 18.90 8.81
C PHE B 82 0.03 20.02 7.77
N LEU B 83 0.44 21.22 8.18
CA LEU B 83 0.43 22.37 7.24
C LEU B 83 1.42 22.09 6.11
N GLY B 84 2.60 21.56 6.43
CA GLY B 84 3.61 21.17 5.44
C GLY B 84 3.04 20.21 4.40
N ARG B 85 2.24 19.25 4.84
CA ARG B 85 1.72 18.19 3.94
C ARG B 85 0.59 18.78 3.07
N TYR B 86 -0.29 19.61 3.65
CA TYR B 86 -1.36 20.36 2.93
C TYR B 86 -0.72 21.18 1.81
N MET B 87 0.31 21.96 2.13
CA MET B 87 1.01 22.83 1.14
C MET B 87 1.70 21.99 0.07
N SER B 88 2.42 20.92 0.41
CA SER B 88 3.04 19.98 -0.57
C SER B 88 1.99 19.56 -1.61
N ALA B 89 0.80 19.19 -1.14
CA ALA B 89 -0.30 18.62 -1.94
C ALA B 89 -0.95 19.73 -2.79
N LEU B 90 -1.23 20.87 -2.17
CA LEU B 90 -1.89 22.04 -2.81
C LEU B 90 -1.05 22.49 -3.99
N ASN B 91 0.27 22.41 -3.84
CA ASN B 91 1.23 22.80 -4.91
C ASN B 91 0.90 21.99 -6.18
N HIS B 92 0.46 20.74 -6.05
CA HIS B 92 0.05 19.89 -7.20
C HIS B 92 -1.45 20.11 -7.50
N THR B 93 -2.32 20.16 -6.50
CA THR B 93 -3.78 20.12 -6.74
C THR B 93 -4.21 21.45 -7.40
N LYS B 94 -3.44 22.52 -7.23
CA LYS B 94 -3.83 23.83 -7.82
C LYS B 94 -3.66 23.79 -9.34
N LYS B 95 -2.86 22.86 -9.88
CA LYS B 95 -2.57 22.65 -11.33
C LYS B 95 -3.50 21.59 -11.97
N TRP B 96 -4.37 20.95 -11.19
CA TRP B 96 -5.37 20.00 -11.72
C TRP B 96 -6.52 20.81 -12.33
N LYS B 97 -7.23 20.21 -13.28
CA LYS B 97 -8.46 20.75 -13.89
C LYS B 97 -9.68 20.12 -13.21
N TYR B 98 -10.71 20.92 -12.92
CA TYR B 98 -11.92 20.52 -12.19
C TYR B 98 -13.14 20.75 -13.05
N PRO B 99 -13.35 19.94 -14.11
CA PRO B 99 -14.47 20.16 -15.02
C PRO B 99 -15.81 19.85 -14.31
N GLN B 100 -16.84 20.55 -14.75
CA GLN B 100 -18.25 20.22 -14.45
C GLN B 100 -18.64 19.07 -15.36
N VAL B 101 -19.00 17.95 -14.77
CA VAL B 101 -19.52 16.77 -15.48
C VAL B 101 -20.87 16.44 -14.86
N ASN B 102 -21.92 16.52 -15.65
CA ASN B 102 -23.28 16.07 -15.24
C ASN B 102 -23.68 16.81 -13.96
N GLY B 103 -23.39 18.11 -13.86
CA GLY B 103 -23.86 18.94 -12.74
C GLY B 103 -22.98 18.86 -11.50
N LEU B 104 -21.84 18.15 -11.58
CA LEU B 104 -20.95 17.90 -10.41
C LEU B 104 -19.54 18.34 -10.76
N THR B 105 -18.78 18.76 -9.76
CA THR B 105 -17.33 19.03 -9.91
C THR B 105 -16.58 17.70 -9.90
N SER B 106 -15.94 17.35 -11.00
CA SER B 106 -15.05 16.17 -11.10
C SER B 106 -13.59 16.67 -11.11
N ILE B 107 -12.65 15.79 -11.47
CA ILE B 107 -11.21 16.10 -11.60
C ILE B 107 -10.74 15.40 -12.86
N LYS B 108 -10.11 16.13 -13.78
CA LYS B 108 -9.42 15.53 -14.95
C LYS B 108 -8.30 14.63 -14.42
N TRP B 109 -8.17 13.43 -14.97
CA TRP B 109 -7.17 12.45 -14.51
C TRP B 109 -5.78 13.09 -14.50
N ALA B 110 -5.10 13.03 -13.36
CA ALA B 110 -3.67 13.33 -13.17
C ALA B 110 -3.20 12.69 -11.86
N ASP B 111 -1.94 12.23 -11.81
CA ASP B 111 -1.27 11.85 -10.54
C ASP B 111 -2.05 10.76 -9.78
N ASN B 112 -2.67 9.85 -10.52
CA ASN B 112 -3.41 8.69 -9.99
C ASN B 112 -4.50 9.20 -9.04
N ASN B 113 -5.24 10.24 -9.45
CA ASN B 113 -6.19 10.95 -8.58
C ASN B 113 -7.61 10.41 -8.75
N CYS B 114 -7.78 9.24 -9.35
CA CYS B 114 -9.13 8.73 -9.71
C CYS B 114 -9.93 8.44 -8.42
N TYR B 115 -9.26 8.06 -7.32
CA TYR B 115 -9.93 7.79 -6.02
C TYR B 115 -10.44 9.12 -5.43
N LEU B 116 -9.68 10.19 -5.58
CA LEU B 116 -10.09 11.53 -5.06
C LEU B 116 -11.26 12.06 -5.90
N ALA B 117 -11.21 11.90 -7.21
CA ALA B 117 -12.33 12.30 -8.09
C ALA B 117 -13.60 11.57 -7.62
N THR B 118 -13.51 10.28 -7.37
CA THR B 118 -14.67 9.46 -6.99
C THR B 118 -15.18 9.90 -5.62
N ALA B 119 -14.29 10.22 -4.68
CA ALA B 119 -14.65 10.68 -3.32
C ALA B 119 -15.36 12.03 -3.43
N LEU B 120 -14.79 12.93 -4.22
CA LEU B 120 -15.29 14.30 -4.45
C LEU B 120 -16.70 14.24 -5.04
N LEU B 121 -16.90 13.44 -6.08
CA LEU B 121 -18.23 13.28 -6.72
C LEU B 121 -19.23 12.72 -5.70
N THR B 122 -18.78 11.79 -4.87
CA THR B 122 -19.68 11.13 -3.90
C THR B 122 -20.11 12.17 -2.86
N LEU B 123 -19.16 12.97 -2.36
CA LEU B 123 -19.42 13.97 -1.30
C LEU B 123 -20.45 15.02 -1.73
N GLN B 124 -20.58 15.27 -3.03
CA GLN B 124 -21.56 16.27 -3.56
C GLN B 124 -22.96 15.67 -3.62
N GLN B 125 -23.14 14.39 -3.28
CA GLN B 125 -24.44 13.70 -3.48
C GLN B 125 -24.94 13.06 -2.17
N ILE B 126 -24.18 13.14 -1.08
CA ILE B 126 -24.65 12.67 0.25
C ILE B 126 -24.73 13.86 1.19
N GLU B 127 -25.65 13.81 2.15
CA GLU B 127 -25.92 14.90 3.10
C GLU B 127 -24.94 14.79 4.27
N LEU B 128 -23.97 15.70 4.32
CA LEU B 128 -22.81 15.63 5.23
C LEU B 128 -22.43 17.04 5.66
N LYS B 129 -22.01 17.24 6.88
CA LYS B 129 -21.70 18.57 7.48
C LYS B 129 -20.33 18.43 8.13
N PHE B 130 -19.28 19.06 7.61
CA PHE B 130 -17.91 18.97 8.21
C PHE B 130 -17.78 19.88 9.44
N ASN B 131 -16.98 19.46 10.44
CA ASN B 131 -16.79 20.17 11.72
C ASN B 131 -15.63 21.15 11.59
N PRO B 132 -14.44 20.75 11.07
CA PRO B 132 -13.35 21.71 10.85
C PRO B 132 -13.72 22.81 9.86
N PRO B 133 -13.62 24.09 10.26
CA PRO B 133 -13.82 25.21 9.35
C PRO B 133 -13.07 24.98 8.03
N ALA B 134 -11.85 24.46 8.06
CA ALA B 134 -11.03 24.26 6.84
C ALA B 134 -11.76 23.37 5.84
N LEU B 135 -12.42 22.32 6.30
CA LEU B 135 -13.19 21.41 5.41
C LEU B 135 -14.53 22.04 5.01
N GLN B 136 -15.24 22.72 5.92
CA GLN B 136 -16.49 23.44 5.57
C GLN B 136 -16.20 24.38 4.41
N ASP B 137 -15.19 25.23 4.57
CA ASP B 137 -14.83 26.32 3.63
C ASP B 137 -14.40 25.68 2.30
N ALA B 138 -13.43 24.75 2.33
CA ALA B 138 -12.88 24.11 1.13
C ALA B 138 -13.96 23.31 0.36
N TYR B 139 -14.92 22.68 1.07
CA TYR B 139 -15.98 21.88 0.44
C TYR B 139 -16.91 22.80 -0.37
N TYR B 140 -17.22 24.00 0.15
CA TYR B 140 -18.19 24.93 -0.48
CA TYR B 140 -18.18 24.96 -0.47
C TYR B 140 -17.55 25.52 -1.74
N ARG B 141 -16.23 25.71 -1.71
CA ARG B 141 -15.48 26.18 -2.89
C ARG B 141 -15.40 25.07 -3.95
N ALA B 142 -15.38 23.81 -3.54
CA ALA B 142 -15.32 22.63 -4.44
C ALA B 142 -16.67 22.43 -5.15
N ARG B 143 -17.77 22.58 -4.40
CA ARG B 143 -19.18 22.55 -4.90
C ARG B 143 -19.33 23.64 -5.97
N ALA B 144 -18.55 24.72 -5.88
CA ALA B 144 -18.58 25.86 -6.82
C ALA B 144 -17.59 25.69 -7.98
N GLY B 145 -16.64 24.76 -7.92
CA GLY B 145 -15.77 24.47 -9.08
C GLY B 145 -14.28 24.59 -8.80
N GLU B 146 -13.88 25.17 -7.66
CA GLU B 146 -12.44 25.30 -7.26
C GLU B 146 -12.19 24.34 -6.11
N ALA B 147 -11.80 23.10 -6.44
CA ALA B 147 -11.73 21.99 -5.49
C ALA B 147 -10.30 21.75 -5.04
N ALA B 148 -9.33 22.55 -5.51
CA ALA B 148 -7.89 22.34 -5.28
C ALA B 148 -7.58 22.28 -3.77
N ASN B 149 -8.24 23.12 -2.99
CA ASN B 149 -7.97 23.18 -1.53
C ASN B 149 -8.56 21.94 -0.87
N PHE B 150 -9.77 21.60 -1.28
CA PHE B 150 -10.51 20.47 -0.69
C PHE B 150 -9.70 19.20 -0.94
N CYS B 151 -9.21 19.02 -2.16
CA CYS B 151 -8.40 17.84 -2.55
C CYS B 151 -7.12 17.77 -1.73
N ALA B 152 -6.45 18.90 -1.54
CA ALA B 152 -5.17 18.96 -0.81
C ALA B 152 -5.43 18.64 0.66
N LEU B 153 -6.54 19.12 1.20
CA LEU B 153 -6.94 18.86 2.61
C LEU B 153 -7.25 17.38 2.77
N ILE B 154 -8.03 16.80 1.87
CA ILE B 154 -8.33 15.34 1.93
C ILE B 154 -7.01 14.57 1.97
N LEU B 155 -6.08 14.89 1.07
CA LEU B 155 -4.75 14.24 1.04
C LEU B 155 -4.05 14.39 2.39
N ALA B 156 -4.10 15.58 2.98
CA ALA B 156 -3.39 15.88 4.24
C ALA B 156 -4.09 15.15 5.40
N TYR B 157 -5.41 15.23 5.50
CA TYR B 157 -6.19 14.58 6.58
C TYR B 157 -5.99 13.07 6.52
N CYS B 158 -5.80 12.49 5.33
CA CYS B 158 -5.64 11.02 5.13
C CYS B 158 -4.19 10.58 5.23
N ASN B 159 -3.23 11.49 5.38
CA ASN B 159 -1.78 11.17 5.36
C ASN B 159 -1.43 10.44 4.06
N LYS B 160 -1.93 10.95 2.94
CA LYS B 160 -1.57 10.50 1.57
C LYS B 160 -0.85 11.64 0.85
N THR B 161 0.09 11.27 -0.01
CA THR B 161 0.88 12.13 -0.92
C THR B 161 0.23 12.12 -2.31
N VAL B 162 0.30 13.23 -3.02
CA VAL B 162 -0.08 13.26 -4.46
C VAL B 162 0.72 12.21 -5.21
N GLY B 163 0.08 11.50 -6.13
CA GLY B 163 0.73 10.43 -6.91
C GLY B 163 0.41 9.05 -6.38
N GLU B 164 0.14 8.89 -5.08
CA GLU B 164 -0.06 7.57 -4.44
C GLU B 164 -1.44 7.05 -4.85
N LEU B 165 -1.54 5.74 -5.02
CA LEU B 165 -2.85 5.07 -5.23
C LEU B 165 -3.60 5.10 -3.90
N GLY B 166 -4.91 5.29 -3.95
CA GLY B 166 -5.74 5.43 -2.74
C GLY B 166 -6.98 4.56 -2.81
N ASP B 167 -7.65 4.45 -1.68
CA ASP B 167 -8.90 3.69 -1.50
C ASP B 167 -10.02 4.68 -1.20
N VAL B 168 -11.11 4.65 -1.97
CA VAL B 168 -12.27 5.55 -1.75
C VAL B 168 -12.82 5.29 -0.36
N ARG B 169 -13.01 4.04 0.00
CA ARG B 169 -13.61 3.67 1.30
C ARG B 169 -12.77 4.19 2.46
N GLU B 170 -11.46 3.96 2.45
CA GLU B 170 -10.53 4.40 3.52
C GLU B 170 -10.59 5.93 3.59
N THR B 171 -10.66 6.60 2.45
CA THR B 171 -10.72 8.07 2.36
C THR B 171 -12.02 8.58 2.98
N MET B 172 -13.18 8.04 2.63
CA MET B 172 -14.47 8.51 3.16
C MET B 172 -14.46 8.25 4.66
N SER B 173 -13.81 7.19 5.10
CA SER B 173 -13.80 6.78 6.52
C SER B 173 -13.03 7.83 7.35
N TYR B 174 -11.91 8.37 6.86
CA TYR B 174 -11.15 9.46 7.53
C TYR B 174 -11.97 10.76 7.50
N LEU B 175 -12.58 11.09 6.37
CA LEU B 175 -13.39 12.33 6.22
C LEU B 175 -14.60 12.26 7.14
N PHE B 176 -15.29 11.11 7.22
CA PHE B 176 -16.46 10.94 8.10
C PHE B 176 -16.03 11.13 9.57
N GLN B 177 -14.78 10.87 9.95
CA GLN B 177 -14.33 11.13 11.36
C GLN B 177 -14.46 12.62 11.69
N HIS B 178 -14.37 13.47 10.67
CA HIS B 178 -14.39 14.95 10.80
C HIS B 178 -15.77 15.50 10.39
N ALA B 179 -16.79 14.65 10.28
CA ALA B 179 -18.15 15.08 9.90
C ALA B 179 -19.05 14.98 11.12
N ASN B 180 -20.15 15.70 11.15
CA ASN B 180 -21.08 15.56 12.30
C ASN B 180 -22.06 14.43 11.98
N LEU B 181 -21.80 13.23 12.48
CA LEU B 181 -22.59 11.99 12.27
C LEU B 181 -22.96 11.40 13.63
N ASP B 182 -23.01 12.20 14.70
CA ASP B 182 -23.03 11.68 16.09
C ASP B 182 -24.43 11.11 16.38
N SER B 183 -25.47 11.72 15.81
CA SER B 183 -26.89 11.30 15.91
C SER B 183 -27.28 10.22 14.88
N CYS B 184 -26.31 9.54 14.25
CA CYS B 184 -26.50 8.35 13.37
C CYS B 184 -26.45 7.08 14.23
N LYS B 185 -27.32 6.13 13.96
CA LYS B 185 -27.54 4.96 14.84
C LYS B 185 -27.83 3.76 13.95
N ARG B 186 -27.24 2.61 14.27
CA ARG B 186 -27.54 1.34 13.57
C ARG B 186 -27.77 0.27 14.64
N VAL B 187 -28.79 -0.56 14.44
CA VAL B 187 -29.04 -1.74 15.32
C VAL B 187 -29.01 -2.97 14.43
N LEU B 188 -28.18 -3.95 14.79
CA LEU B 188 -28.05 -5.25 14.07
C LEU B 188 -28.56 -6.32 14.99
N ASN B 189 -28.98 -7.44 14.42
CA ASN B 189 -29.29 -8.68 15.17
C ASN B 189 -28.58 -9.82 14.46
N VAL B 190 -27.87 -10.68 15.20
CA VAL B 190 -27.19 -11.89 14.66
C VAL B 190 -27.89 -13.12 15.27
N VAL B 191 -28.33 -14.05 14.42
CA VAL B 191 -29.18 -15.22 14.80
C VAL B 191 -28.44 -16.51 14.44
N CYS B 192 -28.15 -17.32 15.45
CA CYS B 192 -27.73 -18.73 15.35
C CYS B 192 -28.88 -19.61 15.86
N LYS B 193 -29.17 -20.74 15.21
CA LYS B 193 -30.12 -21.76 15.73
C LYS B 193 -29.67 -22.28 17.10
N THR B 194 -28.35 -22.44 17.30
CA THR B 194 -27.69 -22.98 18.53
C THR B 194 -27.61 -21.89 19.61
N CYS B 195 -26.95 -20.77 19.32
CA CYS B 195 -26.49 -19.75 20.31
C CYS B 195 -27.55 -18.66 20.52
N GLY B 196 -28.58 -18.58 19.68
CA GLY B 196 -29.70 -17.64 19.85
C GLY B 196 -29.41 -16.27 19.26
N GLN B 197 -30.17 -15.26 19.67
CA GLN B 197 -30.09 -13.85 19.21
C GLN B 197 -29.02 -13.09 19.97
N GLN B 198 -28.44 -12.08 19.32
CA GLN B 198 -27.43 -11.17 19.89
C GLN B 198 -27.62 -9.82 19.16
N GLN B 199 -28.01 -8.77 19.89
CA GLN B 199 -28.29 -7.42 19.33
C GLN B 199 -27.08 -6.51 19.57
N THR B 200 -26.68 -5.73 18.56
CA THR B 200 -25.56 -4.73 18.65
C THR B 200 -26.09 -3.36 18.24
N THR B 201 -25.67 -2.31 18.95
CA THR B 201 -26.00 -0.92 18.57
C THR B 201 -24.70 -0.19 18.26
N LEU B 202 -24.66 0.52 17.13
CA LEU B 202 -23.49 1.33 16.69
C LEU B 202 -23.89 2.79 16.55
N LYS B 203 -23.01 3.71 16.88
CA LYS B 203 -23.27 5.17 16.83
C LYS B 203 -22.19 5.84 15.96
N GLY B 204 -22.55 6.91 15.26
CA GLY B 204 -21.58 7.70 14.47
C GLY B 204 -21.13 6.96 13.25
N VAL B 205 -19.83 7.00 12.96
CA VAL B 205 -19.29 6.59 11.63
C VAL B 205 -19.56 5.11 11.43
N GLU B 206 -19.37 4.31 12.48
CA GLU B 206 -19.56 2.85 12.44
C GLU B 206 -21.00 2.51 12.01
N ALA B 207 -21.92 3.45 12.18
CA ALA B 207 -23.36 3.23 11.95
C ALA B 207 -23.73 3.46 10.49
N VAL B 208 -22.87 4.07 9.66
CA VAL B 208 -23.15 4.37 8.23
C VAL B 208 -22.26 3.55 7.27
N MET B 209 -21.28 2.82 7.76
CA MET B 209 -20.32 2.06 6.92
C MET B 209 -20.45 0.56 7.16
N TYR B 210 -20.40 -0.23 6.10
CA TYR B 210 -20.35 -1.72 6.16
C TYR B 210 -19.40 -2.25 5.08
N MET B 211 -18.50 -3.15 5.44
CA MET B 211 -17.62 -3.88 4.48
C MET B 211 -18.05 -5.35 4.38
N GLY B 212 -18.37 -5.83 3.19
CA GLY B 212 -18.68 -7.26 2.92
C GLY B 212 -19.83 -7.49 1.94
N THR B 213 -20.69 -6.50 1.72
CA THR B 213 -21.90 -6.61 0.88
C THR B 213 -22.15 -5.25 0.23
N LEU B 214 -22.57 -5.22 -1.04
CA LEU B 214 -22.95 -3.95 -1.72
C LEU B 214 -24.44 -3.68 -1.56
N SER B 215 -25.23 -4.73 -1.33
CA SER B 215 -26.71 -4.68 -1.40
C SER B 215 -27.29 -4.22 -0.07
N TYR B 216 -27.97 -3.09 -0.05
CA TYR B 216 -28.67 -2.58 1.16
C TYR B 216 -29.84 -3.50 1.46
N GLU B 217 -30.46 -4.03 0.41
CA GLU B 217 -31.64 -4.93 0.52
C GLU B 217 -31.18 -6.25 1.11
N GLN B 218 -30.02 -6.76 0.71
CA GLN B 218 -29.49 -8.04 1.25
C GLN B 218 -29.21 -7.85 2.76
N PHE B 219 -28.73 -6.69 3.16
CA PHE B 219 -28.37 -6.39 4.56
C PHE B 219 -29.66 -6.42 5.41
N LYS B 220 -30.78 -6.01 4.81
CA LYS B 220 -32.08 -5.96 5.50
C LYS B 220 -32.67 -7.37 5.65
N LYS B 221 -32.46 -8.24 4.66
CA LYS B 221 -32.95 -9.65 4.64
C LYS B 221 -32.03 -10.55 5.47
N GLY B 222 -30.74 -10.23 5.57
CA GLY B 222 -29.75 -11.01 6.33
C GLY B 222 -28.60 -11.48 5.45
N VAL B 223 -27.43 -11.62 6.04
CA VAL B 223 -26.20 -12.08 5.34
C VAL B 223 -25.56 -13.14 6.22
N GLN B 224 -24.92 -14.12 5.58
CA GLN B 224 -24.35 -15.28 6.31
C GLN B 224 -22.98 -14.82 6.83
N ILE B 225 -22.73 -15.00 8.12
CA ILE B 225 -21.37 -14.84 8.72
C ILE B 225 -21.11 -16.06 9.61
N PRO B 226 -19.86 -16.52 9.69
CA PRO B 226 -19.49 -17.60 10.60
C PRO B 226 -19.73 -17.21 12.07
N CYS B 227 -20.46 -18.07 12.81
CA CYS B 227 -20.58 -18.02 14.29
C CYS B 227 -19.25 -18.52 14.87
N THR B 228 -18.99 -18.27 16.16
CA THR B 228 -17.76 -18.74 16.85
C THR B 228 -17.87 -20.27 17.06
N CYS B 229 -19.11 -20.79 17.10
CA CYS B 229 -19.46 -22.11 17.67
C CYS B 229 -19.21 -23.22 16.63
N GLY B 230 -19.09 -22.86 15.36
CA GLY B 230 -18.92 -23.83 14.25
C GLY B 230 -19.91 -23.59 13.12
N LYS B 231 -21.16 -23.22 13.44
CA LYS B 231 -22.25 -23.06 12.45
C LYS B 231 -22.12 -21.71 11.73
N GLN B 232 -22.98 -21.47 10.72
CA GLN B 232 -23.16 -20.16 10.05
C GLN B 232 -24.42 -19.49 10.65
N ALA B 233 -24.33 -18.20 10.94
CA ALA B 233 -25.44 -17.39 11.51
C ALA B 233 -25.86 -16.33 10.51
N THR B 234 -27.05 -15.77 10.74
CA THR B 234 -27.63 -14.68 9.92
C THR B 234 -27.53 -13.37 10.68
N LYS B 235 -26.89 -12.36 10.08
CA LYS B 235 -26.84 -10.96 10.60
C LYS B 235 -27.75 -10.12 9.72
N TYR B 236 -28.62 -9.29 10.32
CA TYR B 236 -29.62 -8.48 9.57
C TYR B 236 -29.81 -7.13 10.27
N LEU B 237 -30.28 -6.15 9.50
CA LEU B 237 -30.42 -4.74 9.93
C LEU B 237 -31.76 -4.57 10.61
N VAL B 238 -31.76 -4.21 11.89
CA VAL B 238 -33.00 -4.01 12.69
C VAL B 238 -33.47 -2.57 12.52
N GLN B 239 -32.57 -1.62 12.72
CA GLN B 239 -32.92 -0.17 12.70
C GLN B 239 -31.74 0.64 12.15
N GLN B 240 -32.03 1.63 11.30
CA GLN B 240 -31.03 2.56 10.71
C GLN B 240 -31.56 4.00 10.79
N GLU B 241 -30.85 4.89 11.48
CA GLU B 241 -31.10 6.37 11.46
C GLU B 241 -29.85 7.05 10.91
N SER B 242 -29.92 7.54 9.69
CA SER B 242 -28.80 8.25 9.03
C SER B 242 -29.29 8.83 7.71
N PRO B 243 -28.64 9.91 7.23
CA PRO B 243 -29.01 10.50 5.94
C PRO B 243 -28.62 9.67 4.71
N PHE B 244 -27.64 8.77 4.89
CA PHE B 244 -27.11 7.86 3.85
C PHE B 244 -26.54 6.61 4.55
N VAL B 245 -26.28 5.57 3.77
CA VAL B 245 -25.39 4.45 4.18
C VAL B 245 -24.46 4.12 3.04
N MET B 246 -23.26 3.71 3.40
CA MET B 246 -22.21 3.22 2.49
C MET B 246 -22.02 1.71 2.72
N MET B 247 -22.31 0.93 1.67
CA MET B 247 -22.09 -0.54 1.63
C MET B 247 -20.91 -0.78 0.70
N SER B 248 -19.91 -1.51 1.15
CA SER B 248 -18.63 -1.71 0.44
C SER B 248 -18.34 -3.19 0.40
N ALA B 249 -17.58 -3.64 -0.57
CA ALA B 249 -17.09 -5.03 -0.61
C ALA B 249 -15.93 -5.08 -1.58
N PRO B 250 -15.04 -6.09 -1.45
CA PRO B 250 -14.01 -6.28 -2.46
C PRO B 250 -14.71 -6.30 -3.82
N PRO B 251 -14.06 -5.73 -4.86
CA PRO B 251 -14.71 -5.50 -6.13
C PRO B 251 -15.22 -6.81 -6.73
N ALA B 252 -16.44 -6.82 -7.23
CA ALA B 252 -17.05 -8.01 -7.88
C ALA B 252 -18.04 -7.55 -8.94
N GLN B 253 -18.24 -8.34 -9.98
CA GLN B 253 -19.31 -8.12 -10.99
C GLN B 253 -20.63 -7.89 -10.27
N TYR B 254 -21.28 -6.76 -10.54
CA TYR B 254 -22.51 -6.31 -9.83
C TYR B 254 -23.34 -5.47 -10.80
N GLU B 255 -24.66 -5.62 -10.72
CA GLU B 255 -25.66 -4.91 -11.56
C GLU B 255 -26.21 -3.76 -10.72
N LEU B 256 -26.11 -2.55 -11.23
CA LEU B 256 -26.71 -1.33 -10.64
C LEU B 256 -27.98 -0.96 -11.42
N LYS B 257 -29.12 -0.92 -10.75
CA LYS B 257 -30.43 -0.59 -11.36
C LYS B 257 -30.75 0.88 -11.09
N HIS B 258 -31.05 1.67 -12.14
CA HIS B 258 -31.52 3.07 -12.04
C HIS B 258 -32.53 3.21 -10.90
N GLY B 259 -32.34 4.20 -10.02
CA GLY B 259 -33.34 4.61 -9.01
C GLY B 259 -33.32 3.79 -7.73
N THR B 260 -32.41 2.82 -7.59
CA THR B 260 -32.30 1.92 -6.40
C THR B 260 -31.09 2.25 -5.51
N PHE B 261 -30.36 3.33 -5.83
CA PHE B 261 -29.11 3.76 -5.16
C PHE B 261 -28.77 5.19 -5.56
N THR B 262 -27.96 5.88 -4.75
CA THR B 262 -27.53 7.27 -5.00
C THR B 262 -26.35 7.27 -5.99
N CYS B 263 -25.23 6.66 -5.61
CA CYS B 263 -24.02 6.60 -6.46
C CYS B 263 -23.16 5.41 -6.03
N ALA B 264 -22.11 5.12 -6.80
CA ALA B 264 -21.28 3.93 -6.58
C ALA B 264 -19.88 4.14 -7.13
N SER B 265 -18.93 3.39 -6.60
CA SER B 265 -17.52 3.35 -7.04
C SER B 265 -17.31 2.04 -7.79
N GLU B 266 -16.91 2.10 -9.04
CA GLU B 266 -16.37 0.94 -9.80
C GLU B 266 -14.86 0.94 -9.59
N TYR B 267 -14.26 -0.22 -9.42
CA TYR B 267 -12.79 -0.38 -9.32
C TYR B 267 -12.31 -1.54 -10.20
N THR B 268 -11.42 -1.21 -11.13
CA THR B 268 -10.83 -2.20 -12.07
C THR B 268 -9.34 -2.28 -11.82
N GLY B 269 -8.86 -3.41 -11.33
CA GLY B 269 -7.47 -3.58 -10.93
C GLY B 269 -7.33 -4.59 -9.81
N ASN B 270 -6.19 -4.53 -9.11
CA ASN B 270 -5.88 -5.40 -7.95
C ASN B 270 -5.54 -4.48 -6.79
N TYR B 271 -4.90 -5.03 -5.76
CA TYR B 271 -4.66 -4.29 -4.50
C TYR B 271 -3.55 -3.28 -4.70
N GLN B 272 -2.59 -3.56 -5.60
CA GLN B 272 -1.39 -2.73 -5.81
C GLN B 272 -1.59 -1.73 -6.96
N CYS B 273 -2.64 -1.83 -7.77
CA CYS B 273 -2.77 -0.99 -8.98
C CYS B 273 -4.18 -1.11 -9.57
N GLY B 274 -4.82 0.01 -9.89
CA GLY B 274 -6.20 -0.01 -10.40
C GLY B 274 -6.74 1.36 -10.70
N HIS B 275 -7.95 1.42 -11.25
CA HIS B 275 -8.64 2.64 -11.74
C HIS B 275 -10.07 2.67 -11.18
N TYR B 276 -10.47 3.78 -10.56
CA TYR B 276 -11.87 3.99 -10.10
C TYR B 276 -12.69 4.73 -11.17
N LYS B 277 -13.96 4.37 -11.29
CA LYS B 277 -14.97 5.22 -11.96
C LYS B 277 -16.12 5.46 -10.98
N HIS B 278 -16.91 6.48 -11.22
CA HIS B 278 -18.06 6.85 -10.40
C HIS B 278 -19.32 6.62 -11.23
N ILE B 279 -20.32 5.93 -10.66
CA ILE B 279 -21.66 5.78 -11.30
C ILE B 279 -22.67 6.55 -10.44
N THR B 280 -23.45 7.42 -11.06
CA THR B 280 -24.54 8.14 -10.34
C THR B 280 -25.86 7.88 -11.06
N SER B 281 -26.93 7.69 -10.29
CA SER B 281 -28.32 7.53 -10.77
C SER B 281 -29.00 8.90 -10.83
N LYS B 282 -29.30 9.37 -12.03
CA LYS B 282 -30.11 10.59 -12.26
C LYS B 282 -31.40 10.14 -12.95
N GLU B 283 -31.74 10.71 -14.10
CA GLU B 283 -32.87 10.27 -14.96
C GLU B 283 -32.53 8.95 -15.65
N THR B 284 -31.22 8.68 -15.80
CA THR B 284 -30.63 7.35 -16.16
C THR B 284 -29.29 7.21 -15.42
N LEU B 285 -28.46 6.22 -15.78
CA LEU B 285 -27.17 5.94 -15.10
C LEU B 285 -26.03 6.59 -15.86
N TYR B 286 -25.32 7.49 -15.22
CA TYR B 286 -24.13 8.19 -15.76
C TYR B 286 -22.89 7.60 -15.11
N CYS B 287 -21.87 7.36 -15.92
CA CYS B 287 -20.53 6.94 -15.48
C CYS B 287 -19.57 8.11 -15.70
N ILE B 288 -19.11 8.71 -14.62
CA ILE B 288 -18.16 9.85 -14.63
C ILE B 288 -16.78 9.24 -14.40
N ASP B 289 -15.88 9.45 -15.36
CA ASP B 289 -14.52 8.88 -15.37
C ASP B 289 -13.53 10.03 -15.55
N GLY B 290 -13.36 10.81 -14.49
CA GLY B 290 -12.60 12.07 -14.50
C GLY B 290 -13.37 13.08 -15.31
N ALA B 291 -12.85 13.47 -16.47
CA ALA B 291 -13.47 14.46 -17.38
C ALA B 291 -14.45 13.78 -18.33
N LEU B 292 -14.37 12.45 -18.48
N LEU B 292 -14.36 12.44 -18.48
CA LEU B 292 -15.15 11.67 -19.47
CA LEU B 292 -15.17 11.65 -19.45
C LEU B 292 -16.50 11.29 -18.85
C LEU B 292 -16.51 11.32 -18.83
N LEU B 293 -17.56 11.32 -19.65
CA LEU B 293 -18.94 10.92 -19.27
C LEU B 293 -19.47 9.87 -20.26
N THR B 294 -20.14 8.84 -19.78
CA THR B 294 -20.92 7.88 -20.59
C THR B 294 -22.25 7.66 -19.89
N LYS B 295 -23.26 7.13 -20.57
CA LYS B 295 -24.55 6.82 -19.91
C LYS B 295 -25.12 5.52 -20.48
N SER B 296 -26.03 4.92 -19.74
CA SER B 296 -26.64 3.60 -20.04
C SER B 296 -27.85 3.45 -19.14
N SER B 297 -28.84 2.64 -19.51
CA SER B 297 -30.03 2.41 -18.65
C SER B 297 -29.66 1.42 -17.55
N GLU B 298 -28.74 0.51 -17.86
CA GLU B 298 -28.22 -0.53 -16.93
C GLU B 298 -26.68 -0.45 -16.85
N TYR B 299 -26.10 -0.87 -15.72
CA TYR B 299 -24.64 -0.91 -15.48
C TYR B 299 -24.24 -2.24 -14.85
N LYS B 300 -23.27 -2.88 -15.46
CA LYS B 300 -22.62 -4.15 -15.03
C LYS B 300 -21.14 -3.80 -14.86
N GLY B 301 -20.57 -4.01 -13.69
CA GLY B 301 -19.10 -3.90 -13.59
C GLY B 301 -18.59 -4.32 -12.24
N PRO B 302 -17.27 -4.25 -12.03
CA PRO B 302 -16.68 -4.54 -10.71
C PRO B 302 -16.91 -3.37 -9.75
N ILE B 303 -17.98 -3.43 -8.96
CA ILE B 303 -18.40 -2.37 -8.01
C ILE B 303 -17.83 -2.67 -6.64
N THR B 304 -17.35 -1.65 -5.93
CA THR B 304 -16.68 -1.82 -4.62
C THR B 304 -17.41 -0.99 -3.55
N ASP B 305 -18.08 0.10 -3.87
CA ASP B 305 -18.85 0.89 -2.88
C ASP B 305 -20.17 1.31 -3.52
N VAL B 306 -21.28 1.16 -2.80
CA VAL B 306 -22.59 1.76 -3.20
C VAL B 306 -23.12 2.63 -2.06
N PHE B 307 -23.60 3.82 -2.40
CA PHE B 307 -24.23 4.78 -1.44
C PHE B 307 -25.74 4.78 -1.65
N TYR B 308 -26.48 4.69 -0.55
CA TYR B 308 -27.97 4.70 -0.52
C TYR B 308 -28.45 5.91 0.28
N LYS B 309 -29.52 6.53 -0.18
CA LYS B 309 -30.26 7.57 0.59
C LYS B 309 -31.03 6.85 1.68
N GLU B 310 -31.12 7.47 2.85
CA GLU B 310 -31.79 6.91 4.04
C GLU B 310 -32.29 8.09 4.89
N ASN B 311 -33.22 7.79 5.79
CA ASN B 311 -33.72 8.74 6.81
C ASN B 311 -33.90 7.95 8.11
N SER B 312 -34.85 7.01 8.06
CA SER B 312 -35.27 6.14 9.18
C SER B 312 -35.79 4.81 8.63
N TYR B 313 -35.20 3.69 9.01
CA TYR B 313 -35.67 2.33 8.67
C TYR B 313 -35.85 1.53 9.95
N THR B 314 -36.96 0.80 10.05
CA THR B 314 -37.21 -0.23 11.09
C THR B 314 -37.61 -1.53 10.38
N THR B 315 -37.02 -2.65 10.78
CA THR B 315 -37.26 -3.98 10.15
C THR B 315 -38.71 -4.38 10.42
N THR B 316 -39.25 -5.30 9.60
CA THR B 316 -40.55 -5.99 9.85
C THR B 316 -40.32 -7.43 10.35
N ILE B 317 -39.09 -7.95 10.26
CA ILE B 317 -38.66 -9.26 10.84
C ILE B 317 -38.86 -9.23 12.36
N LYS B 318 -39.44 -10.30 12.93
CA LYS B 318 -39.51 -10.53 14.41
C LYS B 318 -38.61 -11.72 14.82
N THR C 7 -25.99 16.49 52.27
CA THR C 7 -24.96 16.66 51.22
C THR C 7 -23.74 15.77 51.52
N ILE C 8 -23.02 15.34 50.48
CA ILE C 8 -21.64 14.77 50.58
C ILE C 8 -20.70 15.61 49.71
N LYS C 9 -19.39 15.39 49.94
CA LYS C 9 -18.27 15.93 49.12
C LYS C 9 -17.77 14.82 48.17
N VAL C 10 -17.76 15.14 46.87
CA VAL C 10 -17.13 14.32 45.82
C VAL C 10 -16.12 15.20 45.07
N PHE C 11 -15.23 14.56 44.30
CA PHE C 11 -14.38 15.23 43.28
C PHE C 11 -14.97 14.97 41.89
N THR C 12 -15.01 16.00 41.05
CA THR C 12 -15.22 15.87 39.59
C THR C 12 -13.90 16.17 38.88
N THR C 13 -13.75 15.63 37.68
CA THR C 13 -12.50 15.65 36.87
C THR C 13 -12.86 15.32 35.42
N VAL C 14 -12.03 15.78 34.48
CA VAL C 14 -12.04 15.32 33.08
C VAL C 14 -10.79 14.46 32.81
N ASP C 15 -9.76 14.54 33.65
CA ASP C 15 -8.44 13.92 33.36
C ASP C 15 -7.94 13.03 34.51
N ASN C 16 -8.63 13.07 35.65
CA ASN C 16 -8.27 12.29 36.87
C ASN C 16 -6.88 12.71 37.37
N ILE C 17 -6.42 13.90 37.02
CA ILE C 17 -5.15 14.54 37.51
C ILE C 17 -5.56 15.76 38.36
N ASN C 18 -6.54 16.51 37.90
CA ASN C 18 -7.06 17.75 38.52
C ASN C 18 -8.49 17.48 39.02
N LEU C 19 -8.59 17.37 40.34
CA LEU C 19 -9.85 17.04 41.05
C LEU C 19 -10.47 18.37 41.50
N HIS C 20 -11.79 18.49 41.36
CA HIS C 20 -12.57 19.70 41.69
C HIS C 20 -13.58 19.29 42.76
N THR C 21 -13.35 19.75 43.99
CA THR C 21 -14.21 19.54 45.17
C THR C 21 -15.61 20.08 44.84
N GLN C 22 -16.65 19.26 44.99
CA GLN C 22 -18.07 19.69 44.86
C GLN C 22 -18.83 19.28 46.13
N VAL C 23 -19.78 20.13 46.52
CA VAL C 23 -20.86 19.79 47.49
C VAL C 23 -22.06 19.33 46.66
N VAL C 24 -22.55 18.11 46.87
CA VAL C 24 -23.70 17.57 46.06
C VAL C 24 -24.92 17.42 46.98
N ASP C 25 -26.07 17.92 46.50
CA ASP C 25 -27.42 17.76 47.10
C ASP C 25 -27.87 16.32 46.90
N MET C 26 -28.04 15.54 47.97
CA MET C 26 -28.33 14.09 47.85
C MET C 26 -29.78 13.84 47.40
N SER C 27 -30.61 14.89 47.35
CA SER C 27 -32.02 14.79 46.86
C SER C 27 -32.04 14.72 45.30
N MET C 28 -31.09 15.40 44.63
CA MET C 28 -30.99 15.52 43.15
C MET C 28 -30.06 14.44 42.55
N THR C 29 -30.24 14.11 41.27
CA THR C 29 -29.34 13.19 40.49
C THR C 29 -28.03 13.90 40.20
N TYR C 30 -26.95 13.14 39.94
CA TYR C 30 -25.65 13.67 39.45
C TYR C 30 -25.86 14.43 38.13
N GLY C 31 -26.76 13.92 37.28
CA GLY C 31 -27.15 14.54 36.00
C GLY C 31 -27.68 15.96 36.18
N GLN C 32 -28.56 16.18 37.15
CA GLN C 32 -29.16 17.51 37.45
C GLN C 32 -28.04 18.50 37.80
N GLN C 33 -27.04 18.07 38.56
CA GLN C 33 -26.00 18.95 39.18
C GLN C 33 -24.81 19.14 38.22
N PHE C 34 -24.26 18.07 37.64
CA PHE C 34 -23.00 18.12 36.84
C PHE C 34 -23.21 17.90 35.34
N GLY C 35 -24.37 17.42 34.91
CA GLY C 35 -24.60 16.88 33.56
C GLY C 35 -24.20 15.41 33.50
N PRO C 36 -23.89 14.87 32.31
CA PRO C 36 -23.43 13.48 32.21
C PRO C 36 -22.22 13.24 33.13
N THR C 37 -22.24 12.15 33.88
CA THR C 37 -21.34 11.86 35.01
C THR C 37 -21.02 10.37 35.07
N TYR C 38 -19.77 10.00 35.33
CA TYR C 38 -19.31 8.59 35.28
C TYR C 38 -18.48 8.26 36.51
N LEU C 39 -18.64 7.04 37.02
CA LEU C 39 -17.81 6.48 38.12
C LEU C 39 -17.14 5.20 37.59
N ASP C 40 -15.83 5.27 37.34
CA ASP C 40 -15.04 4.15 36.77
C ASP C 40 -15.75 3.63 35.52
N GLY C 41 -16.27 4.51 34.68
CA GLY C 41 -16.86 4.15 33.37
C GLY C 41 -18.35 3.83 33.44
N ALA C 42 -18.93 3.70 34.63
CA ALA C 42 -20.38 3.46 34.82
C ALA C 42 -21.12 4.81 34.73
N ASP C 43 -22.07 4.94 33.80
CA ASP C 43 -22.93 6.15 33.67
C ASP C 43 -23.81 6.25 34.92
N VAL C 44 -23.58 7.26 35.76
CA VAL C 44 -24.36 7.51 37.01
C VAL C 44 -25.22 8.77 36.85
N THR C 45 -25.37 9.27 35.62
CA THR C 45 -26.14 10.49 35.31
C THR C 45 -27.52 10.45 35.99
N LYS C 46 -28.21 9.31 35.95
CA LYS C 46 -29.63 9.18 36.35
C LYS C 46 -29.74 8.67 37.79
N ILE C 47 -28.61 8.45 38.47
CA ILE C 47 -28.51 7.93 39.86
C ILE C 47 -28.42 9.11 40.84
N LYS C 48 -28.97 8.93 42.04
CA LYS C 48 -28.88 9.90 43.16
C LYS C 48 -27.68 9.51 44.01
N PRO C 49 -26.91 10.48 44.57
CA PRO C 49 -25.75 10.18 45.39
C PRO C 49 -26.02 9.19 46.55
N HIS C 50 -25.13 8.21 46.72
CA HIS C 50 -25.15 7.17 47.79
C HIS C 50 -24.09 7.58 48.81
N ASN C 51 -24.29 7.27 50.08
CA ASN C 51 -23.39 7.69 51.19
C ASN C 51 -21.96 7.17 50.91
N SER C 52 -21.84 6.02 50.24
CA SER C 52 -20.55 5.34 49.96
C SER C 52 -19.72 6.13 48.94
N HIS C 53 -20.32 7.14 48.30
CA HIS C 53 -19.68 7.99 47.26
C HIS C 53 -18.83 9.10 47.90
N GLU C 54 -18.90 9.29 49.22
CA GLU C 54 -18.09 10.30 49.96
C GLU C 54 -16.62 10.16 49.54
N GLY C 55 -16.06 11.22 48.97
CA GLY C 55 -14.60 11.32 48.71
C GLY C 55 -14.17 10.68 47.39
N LYS C 56 -15.11 10.19 46.57
CA LYS C 56 -14.81 9.46 45.31
C LYS C 56 -14.73 10.43 44.11
N THR C 57 -13.98 10.01 43.09
CA THR C 57 -13.70 10.82 41.87
C THR C 57 -14.69 10.40 40.78
N PHE C 58 -15.47 11.36 40.28
CA PHE C 58 -16.40 11.18 39.14
C PHE C 58 -15.84 11.92 37.93
N TYR C 59 -15.96 11.33 36.74
CA TYR C 59 -15.69 12.01 35.45
C TYR C 59 -16.96 12.77 35.03
N VAL C 60 -16.81 13.94 34.43
CA VAL C 60 -17.92 14.78 33.88
C VAL C 60 -17.50 15.28 32.50
N LEU C 61 -18.43 15.71 31.66
CA LEU C 61 -18.10 16.36 30.37
C LEU C 61 -17.57 17.75 30.63
N PRO C 62 -16.63 18.26 29.81
CA PRO C 62 -16.17 19.64 29.97
C PRO C 62 -17.30 20.62 29.62
N ASN C 63 -17.97 21.14 30.66
CA ASN C 63 -19.14 22.05 30.58
C ASN C 63 -18.76 23.46 31.04
N ASP C 64 -17.47 23.75 31.26
CA ASP C 64 -16.94 25.08 31.67
C ASP C 64 -15.52 25.24 31.11
N ASP C 65 -14.99 26.46 31.11
CA ASP C 65 -13.75 26.82 30.37
C ASP C 65 -12.52 26.18 31.02
N THR C 66 -12.51 26.04 32.35
CA THR C 66 -11.41 25.38 33.10
C THR C 66 -11.29 23.93 32.62
N LEU C 67 -12.42 23.21 32.58
CA LEU C 67 -12.49 21.76 32.21
C LEU C 67 -12.16 21.58 30.73
N ARG C 68 -12.67 22.45 29.85
CA ARG C 68 -12.38 22.40 28.39
C ARG C 68 -10.86 22.41 28.20
N VAL C 69 -10.18 23.29 28.94
CA VAL C 69 -8.70 23.48 28.83
C VAL C 69 -8.00 22.23 29.38
N GLU C 70 -8.40 21.75 30.56
CA GLU C 70 -7.80 20.54 31.20
C GLU C 70 -7.93 19.34 30.27
N ALA C 71 -9.14 19.13 29.71
CA ALA C 71 -9.48 18.02 28.79
C ALA C 71 -8.58 18.10 27.56
N PHE C 72 -8.54 19.26 26.92
CA PHE C 72 -7.72 19.43 25.70
C PHE C 72 -6.24 19.19 26.03
N GLU C 73 -5.75 19.65 27.17
CA GLU C 73 -4.30 19.51 27.51
C GLU C 73 -3.95 18.03 27.74
N TYR C 74 -4.90 17.21 28.20
CA TYR C 74 -4.67 15.79 28.57
C TYR C 74 -4.86 14.85 27.37
N TYR C 75 -5.95 15.04 26.60
CA TYR C 75 -6.40 14.11 25.54
C TYR C 75 -6.02 14.63 24.14
N HIS C 76 -5.74 15.93 24.00
CA HIS C 76 -5.41 16.59 22.72
C HIS C 76 -6.56 16.43 21.73
N THR C 77 -7.80 16.58 22.18
CA THR C 77 -9.00 16.61 21.31
C THR C 77 -10.04 17.49 21.98
N THR C 78 -10.89 18.16 21.20
CA THR C 78 -12.03 18.96 21.71
C THR C 78 -13.33 18.21 21.38
N ASP C 79 -13.27 17.02 20.79
CA ASP C 79 -14.47 16.25 20.35
C ASP C 79 -15.38 16.05 21.57
N PRO C 80 -16.59 16.64 21.61
CA PRO C 80 -17.48 16.51 22.78
C PRO C 80 -17.89 15.07 23.13
N SER C 81 -17.90 14.17 22.13
CA SER C 81 -18.33 12.75 22.26
C SER C 81 -17.21 11.89 22.87
N PHE C 82 -15.97 12.39 22.93
CA PHE C 82 -14.75 11.61 23.22
C PHE C 82 -14.83 11.03 24.63
N LEU C 83 -15.16 11.82 25.64
CA LEU C 83 -15.15 11.30 27.03
C LEU C 83 -16.22 10.21 27.16
N GLY C 84 -17.40 10.42 26.59
CA GLY C 84 -18.48 9.43 26.57
C GLY C 84 -18.02 8.12 25.94
N ARG C 85 -17.24 8.17 24.87
CA ARG C 85 -16.80 6.96 24.14
C ARG C 85 -15.73 6.24 24.98
N TYR C 86 -14.79 6.98 25.58
CA TYR C 86 -13.75 6.45 26.49
C TYR C 86 -14.41 5.70 27.65
N MET C 87 -15.40 6.32 28.30
CA MET C 87 -16.14 5.74 29.46
C MET C 87 -16.93 4.49 29.05
N SER C 88 -17.65 4.54 27.92
CA SER C 88 -18.42 3.38 27.38
C SER C 88 -17.48 2.18 27.25
N ALA C 89 -16.28 2.40 26.72
CA ALA C 89 -15.28 1.37 26.38
C ALA C 89 -14.62 0.86 27.67
N LEU C 90 -14.23 1.79 28.57
CA LEU C 90 -13.55 1.47 29.84
C LEU C 90 -14.44 0.54 30.64
N ASN C 91 -15.74 0.77 30.57
CA ASN C 91 -16.73 -0.06 31.31
C ASN C 91 -16.57 -1.54 30.91
N HIS C 92 -16.19 -1.83 29.67
CA HIS C 92 -15.88 -3.19 29.16
C HIS C 92 -14.42 -3.54 29.41
N THR C 93 -13.48 -2.65 29.13
CA THR C 93 -12.05 -3.03 29.12
C THR C 93 -11.57 -3.29 30.55
N LYS C 94 -12.27 -2.76 31.56
CA LYS C 94 -11.86 -2.95 32.98
C LYS C 94 -12.17 -4.41 33.39
N LYS C 95 -13.06 -5.11 32.65
CA LYS C 95 -13.45 -6.54 32.89
C LYS C 95 -12.61 -7.52 32.05
N TRP C 96 -11.71 -7.03 31.21
CA TRP C 96 -10.78 -7.90 30.43
C TRP C 96 -9.63 -8.33 31.35
N LYS C 97 -8.99 -9.45 31.02
CA LYS C 97 -7.81 -9.99 31.75
C LYS C 97 -6.55 -9.63 30.97
N TYR C 98 -5.49 -9.18 31.63
CA TYR C 98 -4.23 -8.71 31.01
C TYR C 98 -3.04 -9.54 31.48
N PRO C 99 -2.95 -10.82 31.05
CA PRO C 99 -1.83 -11.67 31.45
C PRO C 99 -0.48 -11.20 30.88
N GLN C 100 0.57 -11.45 31.65
CA GLN C 100 1.97 -11.37 31.19
C GLN C 100 2.27 -12.62 30.37
N VAL C 101 2.60 -12.45 29.10
CA VAL C 101 3.00 -13.55 28.18
C VAL C 101 4.36 -13.18 27.61
N ASN C 102 5.38 -14.00 27.85
CA ASN C 102 6.74 -13.83 27.28
C ASN C 102 7.24 -12.42 27.58
N GLY C 103 7.01 -11.89 28.80
CA GLY C 103 7.58 -10.62 29.25
C GLY C 103 6.77 -9.40 28.84
N LEU C 104 5.60 -9.60 28.22
CA LEU C 104 4.76 -8.50 27.66
C LEU C 104 3.35 -8.59 28.21
N THR C 105 2.66 -7.47 28.30
CA THR C 105 1.22 -7.42 28.66
C THR C 105 0.40 -7.79 27.42
N SER C 106 -0.34 -8.89 27.47
CA SER C 106 -1.30 -9.29 26.42
C SER C 106 -2.73 -9.03 26.93
N ILE C 107 -3.73 -9.55 26.23
CA ILE C 107 -5.17 -9.49 26.59
C ILE C 107 -5.76 -10.87 26.31
N LYS C 108 -6.43 -11.46 27.30
CA LYS C 108 -7.20 -12.73 27.13
C LYS C 108 -8.32 -12.44 26.12
N TRP C 109 -8.54 -13.33 25.15
CA TRP C 109 -9.55 -13.10 24.09
C TRP C 109 -10.92 -12.78 24.73
N ALA C 110 -11.52 -11.66 24.34
CA ALA C 110 -12.94 -11.30 24.58
C ALA C 110 -13.34 -10.18 23.60
N ASP C 111 -14.61 -10.16 23.16
CA ASP C 111 -15.23 -9.02 22.44
C ASP C 111 -14.46 -8.69 21.14
N ASN C 112 -13.95 -9.69 20.45
CA ASN C 112 -13.11 -9.53 19.23
C ASN C 112 -11.95 -8.57 19.48
N ASN C 113 -11.25 -8.72 20.59
CA ASN C 113 -10.19 -7.77 20.99
C ASN C 113 -8.81 -8.25 20.53
N CYS C 114 -8.74 -9.21 19.61
CA CYS C 114 -7.45 -9.79 19.16
C CYS C 114 -6.63 -8.69 18.47
N TYR C 115 -7.26 -7.72 17.79
CA TYR C 115 -6.55 -6.62 17.09
C TYR C 115 -5.95 -5.68 18.14
N LEU C 116 -6.64 -5.43 19.24
CA LEU C 116 -6.10 -4.55 20.31
C LEU C 116 -4.95 -5.24 21.04
N ALA C 117 -5.08 -6.54 21.30
CA ALA C 117 -4.00 -7.34 21.92
C ALA C 117 -2.77 -7.22 21.02
N THR C 118 -2.93 -7.38 19.72
CA THR C 118 -1.79 -7.36 18.77
C THR C 118 -1.18 -5.96 18.75
N ALA C 119 -1.99 -4.90 18.81
CA ALA C 119 -1.52 -3.51 18.79
C ALA C 119 -0.73 -3.25 20.08
N LEU C 120 -1.30 -3.69 21.20
CA LEU C 120 -0.73 -3.51 22.56
C LEU C 120 0.63 -4.19 22.64
N LEU C 121 0.71 -5.46 22.20
CA LEU C 121 1.98 -6.22 22.19
C LEU C 121 3.01 -5.50 21.31
N THR C 122 2.57 -4.94 20.18
CA THR C 122 3.47 -4.28 19.22
C THR C 122 4.03 -3.03 19.85
N LEU C 123 3.17 -2.24 20.50
CA LEU C 123 3.56 -0.93 21.10
C LEU C 123 4.62 -1.11 22.19
N GLN C 124 4.67 -2.27 22.84
CA GLN C 124 5.67 -2.55 23.90
C GLN C 124 7.04 -2.87 23.29
N GLN C 125 7.16 -3.00 21.97
CA GLN C 125 8.40 -3.50 21.33
C GLN C 125 8.93 -2.54 20.26
N ILE C 126 8.25 -1.43 20.01
CA ILE C 126 8.79 -0.35 19.13
C ILE C 126 9.01 0.88 20.00
N GLU C 127 9.99 1.70 19.62
CA GLU C 127 10.26 2.99 20.29
C GLU C 127 9.30 4.04 19.72
N LEU C 128 8.28 4.38 20.49
CA LEU C 128 7.24 5.34 20.13
C LEU C 128 6.93 6.17 21.38
N LYS C 129 6.76 7.47 21.19
CA LYS C 129 6.47 8.42 22.28
C LYS C 129 5.16 9.11 21.91
N PHE C 130 4.12 8.95 22.71
CA PHE C 130 2.82 9.65 22.50
C PHE C 130 2.93 11.10 22.95
N ASN C 131 2.15 11.99 22.32
CA ASN C 131 2.08 13.43 22.67
C ASN C 131 1.05 13.63 23.78
N PRO C 132 -0.19 13.12 23.65
CA PRO C 132 -1.19 13.31 24.69
C PRO C 132 -0.78 12.67 26.01
N PRO C 133 -0.75 13.46 27.10
CA PRO C 133 -0.49 12.92 28.43
C PRO C 133 -1.35 11.68 28.71
N ALA C 134 -2.60 11.67 28.26
CA ALA C 134 -3.56 10.55 28.51
C ALA C 134 -2.95 9.24 28.01
N LEU C 135 -2.33 9.26 26.83
CA LEU C 135 -1.73 8.06 26.20
C LEU C 135 -0.38 7.75 26.84
N GLN C 136 0.46 8.75 27.12
CA GLN C 136 1.74 8.53 27.86
C GLN C 136 1.44 7.78 29.17
N ASP C 137 0.52 8.32 29.96
CA ASP C 137 0.18 7.81 31.33
C ASP C 137 -0.41 6.40 31.21
N ALA C 138 -1.43 6.22 30.37
CA ALA C 138 -2.14 4.94 30.21
C ALA C 138 -1.19 3.86 29.62
N TYR C 139 -0.23 4.23 28.77
CA TYR C 139 0.73 3.27 28.18
C TYR C 139 1.65 2.72 29.27
N TYR C 140 2.07 3.55 30.23
CA TYR C 140 3.04 3.16 31.29
C TYR C 140 2.35 2.21 32.26
N ARG C 141 1.05 2.43 32.47
CA ARG C 141 0.22 1.57 33.34
C ARG C 141 -0.03 0.23 32.63
N ALA C 142 -0.09 0.20 31.30
CA ALA C 142 -0.28 -1.02 30.49
C ALA C 142 1.02 -1.86 30.49
N ARG C 143 2.18 -1.20 30.36
CA ARG C 143 3.54 -1.80 30.46
CA ARG C 143 3.49 -1.89 30.43
C ARG C 143 3.69 -2.48 31.83
N ALA C 144 2.95 -2.00 32.83
CA ALA C 144 2.98 -2.52 34.21
C ALA C 144 1.88 -3.60 34.44
N GLY C 145 0.92 -3.77 33.53
CA GLY C 145 -0.05 -4.89 33.62
C GLY C 145 -1.51 -4.44 33.71
N GLU C 146 -1.79 -3.16 33.94
CA GLU C 146 -3.19 -2.61 34.00
C GLU C 146 -3.43 -1.78 32.74
N ALA C 147 -3.89 -2.43 31.69
CA ALA C 147 -3.93 -1.88 30.32
C ALA C 147 -5.35 -1.42 29.98
N ALA C 148 -6.31 -1.55 30.91
CA ALA C 148 -7.75 -1.27 30.66
C ALA C 148 -7.95 0.18 30.16
N ASN C 149 -7.25 1.14 30.73
CA ASN C 149 -7.37 2.56 30.31
C ASN C 149 -6.77 2.75 28.92
N PHE C 150 -5.61 2.16 28.68
CA PHE C 150 -4.88 2.31 27.40
C PHE C 150 -5.78 1.76 26.29
N CYS C 151 -6.36 0.59 26.51
CA CYS C 151 -7.25 -0.07 25.52
C CYS C 151 -8.48 0.81 25.26
N ALA C 152 -9.08 1.37 26.30
CA ALA C 152 -10.31 2.19 26.18
C ALA C 152 -9.97 3.46 25.40
N LEU C 153 -8.79 4.02 25.67
CA LEU C 153 -8.32 5.25 24.98
C LEU C 153 -8.11 4.92 23.50
N ILE C 154 -7.41 3.82 23.18
CA ILE C 154 -7.21 3.40 21.78
C ILE C 154 -8.57 3.30 21.08
N LEU C 155 -9.54 2.63 21.69
CA LEU C 155 -10.92 2.52 21.15
C LEU C 155 -11.51 3.90 20.91
N ALA C 156 -11.34 4.83 21.84
CA ALA C 156 -11.91 6.19 21.74
C ALA C 156 -11.19 6.98 20.66
N TYR C 157 -9.86 6.98 20.66
CA TYR C 157 -9.06 7.74 19.67
C TYR C 157 -9.35 7.22 18.27
N CYS C 158 -9.70 5.93 18.11
CA CYS C 158 -9.93 5.29 16.79
C CYS C 158 -11.41 5.34 16.39
N ASN C 159 -12.28 5.86 17.23
CA ASN C 159 -13.75 5.84 16.98
C ASN C 159 -14.21 4.40 16.71
N LYS C 160 -13.77 3.45 17.54
CA LYS C 160 -14.21 2.03 17.51
C LYS C 160 -14.97 1.71 18.79
N THR C 161 -15.99 0.89 18.65
CA THR C 161 -16.86 0.35 19.72
C THR C 161 -16.36 -1.02 20.13
N VAL C 162 -16.31 -1.29 21.43
CA VAL C 162 -16.01 -2.64 21.97
C VAL C 162 -16.96 -3.65 21.31
N GLY C 163 -16.42 -4.81 20.94
CA GLY C 163 -17.19 -5.90 20.32
C GLY C 163 -17.01 -5.95 18.83
N GLU C 164 -16.71 -4.80 18.19
CA GLU C 164 -16.55 -4.74 16.71
C GLU C 164 -15.17 -5.31 16.39
N LEU C 165 -15.10 -6.00 15.26
CA LEU C 165 -13.85 -6.50 14.67
C LEU C 165 -13.03 -5.29 14.20
N GLY C 166 -11.72 -5.35 14.36
CA GLY C 166 -10.83 -4.21 14.04
C GLY C 166 -9.66 -4.65 13.18
N ASP C 167 -8.93 -3.66 12.66
CA ASP C 167 -7.73 -3.81 11.80
C ASP C 167 -6.55 -3.21 12.56
N VAL C 168 -5.45 -3.96 12.69
CA VAL C 168 -4.23 -3.47 13.37
C VAL C 168 -3.72 -2.25 12.62
N ARG C 169 -3.62 -2.33 11.30
CA ARG C 169 -3.07 -1.22 10.48
C ARG C 169 -3.90 0.06 10.65
N GLU C 170 -5.21 -0.02 10.55
CA GLU C 170 -6.15 1.13 10.67
C GLU C 170 -5.96 1.74 12.06
N THR C 171 -5.82 0.88 13.07
CA THR C 171 -5.60 1.28 14.48
C THR C 171 -4.27 2.02 14.64
N MET C 172 -3.16 1.48 14.14
CA MET C 172 -1.83 2.10 14.29
C MET C 172 -1.85 3.45 13.57
N SER C 173 -2.62 3.55 12.49
CA SER C 173 -2.59 4.77 11.65
C SER C 173 -3.23 5.92 12.43
N TYR C 174 -4.30 5.68 13.20
CA TYR C 174 -4.94 6.72 14.07
C TYR C 174 -4.02 7.04 15.25
N LEU C 175 -3.44 6.02 15.88
CA LEU C 175 -2.54 6.20 17.04
C LEU C 175 -1.31 7.00 16.62
N PHE C 176 -0.72 6.69 15.46
CA PHE C 176 0.49 7.38 14.99
C PHE C 176 0.18 8.86 14.73
N GLN C 177 -1.08 9.25 14.49
CA GLN C 177 -1.43 10.69 14.34
C GLN C 177 -1.14 11.43 15.65
N HIS C 178 -1.17 10.73 16.78
CA HIS C 178 -0.99 11.30 18.14
C HIS C 178 0.39 10.97 18.68
N ALA C 179 1.31 10.53 17.84
CA ALA C 179 2.66 10.13 18.31
C ALA C 179 3.65 11.18 17.81
N ASN C 180 4.77 11.25 18.51
CA ASN C 180 5.86 12.22 18.23
C ASN C 180 6.72 11.64 17.12
N LEU C 181 6.51 12.15 15.90
CA LEU C 181 7.25 11.72 14.68
C LEU C 181 7.93 12.94 14.06
N ASP C 182 8.38 13.86 14.90
CA ASP C 182 9.07 15.11 14.51
C ASP C 182 10.45 14.73 13.94
N SER C 183 11.13 13.73 14.52
CA SER C 183 12.48 13.28 14.12
C SER C 183 12.41 12.16 13.05
N CYS C 184 11.27 12.01 12.36
CA CYS C 184 11.02 10.94 11.35
C CYS C 184 10.95 11.54 9.95
N LYS C 185 11.57 10.89 8.98
CA LYS C 185 11.70 11.39 7.59
C LYS C 185 11.83 10.16 6.69
N ARG C 186 11.18 10.16 5.54
CA ARG C 186 11.40 9.11 4.51
C ARG C 186 11.63 9.79 3.17
N VAL C 187 12.61 9.33 2.41
CA VAL C 187 12.86 9.83 1.03
C VAL C 187 12.70 8.64 0.09
N LEU C 188 11.80 8.78 -0.88
CA LEU C 188 11.53 7.76 -1.91
C LEU C 188 12.03 8.32 -3.23
N ASN C 189 12.40 7.44 -4.13
CA ASN C 189 12.73 7.81 -5.52
C ASN C 189 11.88 6.91 -6.41
N VAL C 190 11.20 7.50 -7.38
CA VAL C 190 10.38 6.77 -8.39
C VAL C 190 11.10 6.90 -9.73
N VAL C 191 11.29 5.76 -10.41
CA VAL C 191 12.02 5.66 -11.69
C VAL C 191 11.04 5.14 -12.75
N CYS C 192 10.75 6.01 -13.72
CA CYS C 192 9.92 5.77 -14.91
C CYS C 192 10.85 5.79 -16.13
N LYS C 193 10.66 4.87 -17.07
CA LYS C 193 11.45 4.85 -18.34
C LYS C 193 11.15 6.13 -19.13
N THR C 194 9.90 6.63 -19.06
CA THR C 194 9.39 7.83 -19.78
C THR C 194 9.83 9.12 -19.06
N CYS C 195 9.45 9.28 -17.78
CA CYS C 195 9.49 10.57 -17.04
C CYS C 195 10.83 10.75 -16.28
N GLY C 196 11.62 9.69 -16.14
CA GLY C 196 12.92 9.74 -15.42
C GLY C 196 12.72 9.59 -13.92
N GLN C 197 13.68 10.09 -13.13
CA GLN C 197 13.69 10.04 -11.64
C GLN C 197 12.90 11.21 -11.07
N GLN C 198 12.25 10.97 -9.95
CA GLN C 198 11.35 11.92 -9.27
C GLN C 198 11.40 11.58 -7.77
N GLN C 199 11.96 12.47 -6.96
CA GLN C 199 12.30 12.22 -5.53
C GLN C 199 11.26 12.90 -4.63
N THR C 200 10.82 12.24 -3.56
CA THR C 200 9.68 12.65 -2.68
C THR C 200 10.12 12.53 -1.22
N THR C 201 9.68 13.45 -0.36
CA THR C 201 9.97 13.36 1.09
C THR C 201 8.65 13.22 1.85
N LEU C 202 8.57 12.27 2.76
CA LEU C 202 7.36 11.95 3.57
C LEU C 202 7.66 12.19 5.05
N LYS C 203 6.70 12.83 5.69
CA LYS C 203 6.73 13.33 7.08
C LYS C 203 5.53 12.75 7.82
N GLY C 204 5.67 12.59 9.14
CA GLY C 204 4.59 12.10 10.00
C GLY C 204 4.31 10.64 9.73
N VAL C 205 3.03 10.28 9.66
CA VAL C 205 2.59 8.87 9.72
C VAL C 205 3.14 8.12 8.51
N GLU C 206 3.06 8.75 7.34
CA GLU C 206 3.48 8.14 6.06
C GLU C 206 5.00 7.97 6.03
N ALA C 207 5.75 8.52 6.99
CA ALA C 207 7.21 8.34 7.09
C ALA C 207 7.58 6.96 7.68
N VAL C 208 6.67 6.35 8.46
CA VAL C 208 6.91 5.04 9.12
C VAL C 208 5.95 3.94 8.62
N MET C 209 4.95 4.24 7.81
CA MET C 209 3.97 3.21 7.38
C MET C 209 4.04 3.02 5.86
N TYR C 210 3.97 1.77 5.38
CA TYR C 210 3.83 1.46 3.94
C TYR C 210 2.84 0.32 3.75
N MET C 211 1.91 0.47 2.80
CA MET C 211 0.97 -0.59 2.35
C MET C 211 1.40 -1.10 0.98
N GLY C 212 1.67 -2.40 0.83
CA GLY C 212 1.93 -3.01 -0.49
C GLY C 212 2.93 -4.15 -0.44
N THR C 213 3.96 -4.05 0.42
CA THR C 213 4.85 -5.20 0.70
C THR C 213 5.09 -5.32 2.20
N LEU C 214 5.36 -6.56 2.65
CA LEU C 214 5.80 -6.87 4.03
C LEU C 214 7.30 -6.71 4.16
N SER C 215 8.04 -6.82 3.05
CA SER C 215 9.51 -6.92 3.06
C SER C 215 10.14 -5.53 3.08
N TYR C 216 10.90 -5.22 4.12
CA TYR C 216 11.68 -3.97 4.22
C TYR C 216 12.80 -4.01 3.19
N GLU C 217 13.36 -5.20 2.94
CA GLU C 217 14.46 -5.40 1.96
C GLU C 217 13.89 -5.17 0.55
N GLN C 218 12.68 -5.64 0.25
CA GLN C 218 12.05 -5.43 -1.08
C GLN C 218 11.87 -3.92 -1.30
N PHE C 219 11.53 -3.17 -0.26
CA PHE C 219 11.25 -1.72 -0.32
C PHE C 219 12.54 -1.00 -0.67
N LYS C 220 13.67 -1.52 -0.21
CA LYS C 220 15.02 -0.94 -0.47
C LYS C 220 15.45 -1.21 -1.91
N LYS C 221 15.11 -2.39 -2.46
CA LYS C 221 15.43 -2.81 -3.85
C LYS C 221 14.45 -2.19 -4.86
N GLY C 222 13.21 -1.94 -4.46
CA GLY C 222 12.19 -1.32 -5.33
C GLY C 222 10.94 -2.16 -5.44
N VAL C 223 9.80 -1.51 -5.68
CA VAL C 223 8.48 -2.16 -5.88
C VAL C 223 7.82 -1.50 -7.08
N GLN C 224 6.94 -2.22 -7.77
CA GLN C 224 6.20 -1.72 -8.95
C GLN C 224 5.03 -0.89 -8.43
N ILE C 225 4.92 0.36 -8.88
CA ILE C 225 3.79 1.27 -8.57
C ILE C 225 3.47 2.01 -9.86
N PRO C 226 2.23 2.50 -10.05
CA PRO C 226 1.98 3.53 -11.07
C PRO C 226 2.76 4.83 -10.76
N CYS C 227 3.48 5.34 -11.75
CA CYS C 227 4.13 6.68 -11.77
C CYS C 227 3.03 7.73 -11.92
N THR C 228 3.36 9.02 -11.79
CA THR C 228 2.40 10.15 -11.90
C THR C 228 1.85 10.28 -13.33
N CYS C 229 2.57 9.76 -14.34
CA CYS C 229 2.08 9.71 -15.75
C CYS C 229 1.12 8.54 -15.95
N GLY C 230 1.13 7.55 -15.04
CA GLY C 230 0.17 6.43 -15.02
C GLY C 230 0.82 5.10 -15.34
N LYS C 231 1.93 5.10 -16.10
CA LYS C 231 2.69 3.89 -16.54
C LYS C 231 3.42 3.27 -15.34
N GLN C 232 3.72 1.95 -15.36
CA GLN C 232 4.36 1.18 -14.26
C GLN C 232 5.82 1.63 -14.09
N ALA C 233 6.24 1.94 -12.87
CA ALA C 233 7.57 2.47 -12.55
C ALA C 233 8.07 1.75 -11.30
N THR C 234 9.32 1.99 -10.92
CA THR C 234 9.94 1.43 -9.70
C THR C 234 10.04 2.53 -8.63
N LYS C 235 9.50 2.27 -7.44
CA LYS C 235 9.65 3.12 -6.23
C LYS C 235 10.58 2.38 -5.27
N TYR C 236 11.59 3.08 -4.73
CA TYR C 236 12.56 2.47 -3.79
C TYR C 236 12.90 3.48 -2.70
N LEU C 237 13.36 2.98 -1.56
CA LEU C 237 13.68 3.77 -0.35
C LEU C 237 15.10 4.33 -0.47
N VAL C 238 15.22 5.65 -0.50
CA VAL C 238 16.52 6.37 -0.61
C VAL C 238 17.07 6.58 0.80
N GLN C 239 16.25 7.16 1.69
CA GLN C 239 16.70 7.53 3.05
C GLN C 239 15.56 7.34 4.05
N GLN C 240 15.87 6.80 5.23
CA GLN C 240 14.91 6.54 6.32
C GLN C 240 15.54 7.00 7.64
N GLU C 241 14.90 7.96 8.33
CA GLU C 241 15.21 8.32 9.74
C GLU C 241 13.97 8.02 10.59
N SER C 242 14.02 6.96 11.38
CA SER C 242 12.94 6.59 12.32
C SER C 242 13.42 5.46 13.23
N PRO C 243 12.87 5.34 14.44
CA PRO C 243 13.21 4.23 15.33
C PRO C 243 12.61 2.87 14.91
N PHE C 244 11.59 2.86 14.06
CA PHE C 244 10.97 1.62 13.51
C PHE C 244 10.37 1.94 12.12
N VAL C 245 10.00 0.91 11.37
CA VAL C 245 9.06 1.05 10.23
C VAL C 245 8.05 -0.09 10.28
N MET C 246 6.84 0.21 9.82
CA MET C 246 5.73 -0.74 9.64
C MET C 246 5.46 -0.95 8.15
N MET C 247 5.62 -2.19 7.70
CA MET C 247 5.32 -2.66 6.32
C MET C 247 4.08 -3.55 6.40
N SER C 248 3.09 -3.29 5.55
CA SER C 248 1.75 -3.93 5.59
C SER C 248 1.37 -4.38 4.18
N ALA C 249 0.53 -5.40 4.11
CA ALA C 249 -0.02 -5.91 2.84
C ALA C 249 -1.22 -6.78 3.14
N PRO C 250 -2.12 -7.05 2.17
CA PRO C 250 -3.21 -7.99 2.43
C PRO C 250 -2.58 -9.29 2.93
N PRO C 251 -3.27 -10.02 3.84
CA PRO C 251 -2.71 -11.23 4.43
C PRO C 251 -2.33 -12.25 3.36
N ALA C 252 -1.14 -12.84 3.46
CA ALA C 252 -0.60 -13.81 2.49
C ALA C 252 0.41 -14.70 3.21
N GLN C 253 0.61 -15.92 2.72
CA GLN C 253 1.66 -16.86 3.23
C GLN C 253 3.00 -16.13 3.15
N TYR C 254 3.71 -16.07 4.26
CA TYR C 254 4.98 -15.31 4.39
C TYR C 254 5.86 -16.01 5.41
N GLU C 255 7.18 -16.04 5.14
CA GLU C 255 8.22 -16.67 5.97
C GLU C 255 8.84 -15.57 6.82
N LEU C 256 8.82 -15.74 8.14
CA LEU C 256 9.50 -14.81 9.08
C LEU C 256 10.77 -15.48 9.61
N LYS C 257 11.94 -14.88 9.37
CA LYS C 257 13.25 -15.41 9.81
C LYS C 257 13.68 -14.73 11.12
N HIS C 258 13.96 -15.50 12.18
CA HIS C 258 14.48 -15.00 13.49
C HIS C 258 15.53 -13.92 13.27
N GLY C 259 15.41 -12.77 13.94
CA GLY C 259 16.42 -11.70 14.00
C GLY C 259 16.45 -10.76 12.79
N THR C 260 15.52 -10.90 11.83
CA THR C 260 15.39 -10.02 10.64
C THR C 260 14.21 -9.03 10.76
N PHE C 261 13.51 -9.02 11.91
CA PHE C 261 12.28 -8.22 12.15
C PHE C 261 12.03 -8.18 13.66
N THR C 262 11.26 -7.18 14.11
CA THR C 262 10.90 -7.00 15.53
C THR C 262 9.70 -7.90 15.89
N CYS C 263 8.57 -7.66 15.25
CA CYS C 263 7.32 -8.41 15.49
C CYS C 263 6.41 -8.29 14.27
N ALA C 264 5.32 -9.04 14.25
CA ALA C 264 4.43 -9.13 13.07
C ALA C 264 3.02 -9.51 13.47
N SER C 265 2.05 -9.15 12.63
CA SER C 265 0.62 -9.44 12.80
C SER C 265 0.22 -10.55 11.84
N GLU C 266 -0.23 -11.68 12.35
CA GLU C 266 -0.78 -12.79 11.54
C GLU C 266 -2.28 -12.60 11.55
N TYR C 267 -2.98 -12.81 10.44
CA TYR C 267 -4.45 -12.66 10.34
C TYR C 267 -5.05 -13.78 9.49
N THR C 268 -6.02 -14.47 10.04
CA THR C 268 -6.92 -15.36 9.29
C THR C 268 -8.34 -14.80 9.42
N GLY C 269 -8.93 -14.42 8.29
CA GLY C 269 -10.35 -14.07 8.24
C GLY C 269 -10.67 -13.18 7.06
N ASN C 270 -11.83 -12.53 7.13
CA ASN C 270 -12.33 -11.56 6.13
C ASN C 270 -12.67 -10.27 6.86
N TYR C 271 -13.48 -9.41 6.27
CA TYR C 271 -13.78 -8.06 6.82
C TYR C 271 -14.83 -8.19 7.92
N GLN C 272 -15.66 -9.23 7.89
CA GLN C 272 -16.75 -9.42 8.89
C GLN C 272 -16.32 -10.29 10.06
N CYS C 273 -15.25 -11.05 9.96
CA CYS C 273 -14.92 -12.07 11.00
C CYS C 273 -13.47 -12.55 10.79
N GLY C 274 -12.70 -12.63 11.86
CA GLY C 274 -11.31 -13.09 11.75
C GLY C 274 -10.61 -13.10 13.08
N HIS C 275 -9.33 -13.45 13.04
CA HIS C 275 -8.47 -13.64 14.23
C HIS C 275 -7.05 -13.21 13.94
N TYR C 276 -6.52 -12.28 14.74
CA TYR C 276 -5.10 -11.89 14.72
C TYR C 276 -4.31 -12.72 15.73
N LYS C 277 -3.07 -13.07 15.37
CA LYS C 277 -2.03 -13.47 16.33
C LYS C 277 -0.84 -12.53 16.19
N HIS C 278 0.01 -12.51 17.20
CA HIS C 278 1.23 -11.68 17.22
C HIS C 278 2.43 -12.60 17.17
N ILE C 279 3.39 -12.33 16.30
CA ILE C 279 4.68 -13.08 16.24
C ILE C 279 5.79 -12.11 16.67
N THR C 280 6.62 -12.52 17.62
CA THR C 280 7.78 -11.70 18.05
C THR C 280 9.06 -12.54 17.94
N SER C 281 10.16 -11.92 17.52
CA SER C 281 11.52 -12.50 17.48
C SER C 281 12.24 -12.15 18.77
N LYS C 282 12.53 -13.16 19.58
CA LYS C 282 13.40 -13.02 20.79
C LYS C 282 14.65 -13.86 20.53
N GLU C 283 14.99 -14.80 21.42
CA GLU C 283 16.07 -15.81 21.23
C GLU C 283 15.62 -16.85 20.19
N THR C 284 14.30 -17.04 20.06
CA THR C 284 13.63 -17.78 18.97
C THR C 284 12.30 -17.06 18.65
N LEU C 285 11.41 -17.67 17.88
CA LEU C 285 10.14 -17.04 17.42
C LEU C 285 9.00 -17.49 18.32
N TYR C 286 8.35 -16.55 19.00
CA TYR C 286 7.17 -16.77 19.85
C TYR C 286 5.93 -16.27 19.11
N CYS C 287 4.85 -17.04 19.19
CA CYS C 287 3.51 -16.63 18.71
C CYS C 287 2.62 -16.42 19.93
N ILE C 288 2.27 -15.17 20.21
CA ILE C 288 1.38 -14.79 21.35
C ILE C 288 -0.04 -14.67 20.78
N ASP C 289 -0.96 -15.47 21.30
CA ASP C 289 -2.36 -15.58 20.81
C ASP C 289 -3.29 -15.30 21.99
N GLY C 290 -3.36 -14.03 22.40
CA GLY C 290 -4.08 -13.62 23.62
C GLY C 290 -3.32 -14.10 24.82
N ALA C 291 -3.88 -15.06 25.55
CA ALA C 291 -3.26 -15.65 26.76
C ALA C 291 -2.33 -16.81 26.37
N LEU C 292 -2.50 -17.37 25.17
CA LEU C 292 -1.77 -18.60 24.72
C LEU C 292 -0.41 -18.21 24.14
N LEU C 293 0.60 -19.04 24.37
CA LEU C 293 1.97 -18.89 23.83
C LEU C 293 2.38 -20.20 23.14
N THR C 294 2.98 -20.11 21.95
CA THR C 294 3.70 -21.25 21.30
C THR C 294 5.02 -20.73 20.79
N LYS C 295 5.98 -21.60 20.49
CA LYS C 295 7.28 -21.16 19.90
C LYS C 295 7.73 -22.15 18.84
N SER C 296 8.65 -21.71 17.99
CA SER C 296 9.18 -22.45 16.83
C SER C 296 10.46 -21.75 16.41
N SER C 297 11.36 -22.46 15.74
CA SER C 297 12.61 -21.89 15.18
C SER C 297 12.26 -21.10 13.93
N GLU C 298 11.26 -21.59 13.18
CA GLU C 298 10.80 -21.03 11.89
C GLU C 298 9.28 -20.76 11.91
N TYR C 299 8.85 -19.78 11.09
CA TYR C 299 7.41 -19.45 10.89
CA TYR C 299 7.43 -19.39 10.90
C TYR C 299 7.10 -19.22 9.42
N LYS C 300 6.00 -19.83 8.96
CA LYS C 300 5.34 -19.57 7.65
C LYS C 300 3.83 -19.46 7.94
N GLY C 301 3.16 -18.38 7.56
CA GLY C 301 1.75 -18.13 7.93
C GLY C 301 1.22 -16.85 7.30
N PRO C 302 -0.09 -16.56 7.45
CA PRO C 302 -0.72 -15.42 6.78
C PRO C 302 -0.40 -14.11 7.51
N ILE C 303 0.65 -13.41 7.11
CA ILE C 303 1.17 -12.15 7.75
C ILE C 303 0.58 -10.96 7.01
N THR C 304 0.19 -9.92 7.75
CA THR C 304 -0.41 -8.69 7.19
C THR C 304 0.40 -7.46 7.60
N ASP C 305 1.10 -7.46 8.74
CA ASP C 305 1.96 -6.32 9.16
C ASP C 305 3.28 -6.89 9.71
N VAL C 306 4.41 -6.30 9.33
CA VAL C 306 5.72 -6.61 9.95
C VAL C 306 6.36 -5.30 10.42
N PHE C 307 6.90 -5.30 11.64
CA PHE C 307 7.62 -4.15 12.25
C PHE C 307 9.12 -4.45 12.25
N TYR C 308 9.92 -3.49 11.83
CA TYR C 308 11.39 -3.57 11.75
C TYR C 308 12.01 -2.49 12.65
N LYS C 309 13.12 -2.82 13.30
CA LYS C 309 13.94 -1.84 14.03
C LYS C 309 14.69 -1.03 12.97
N GLU C 310 14.88 0.26 13.21
CA GLU C 310 15.58 1.20 12.31
C GLU C 310 16.17 2.33 13.17
N ASN C 311 17.06 3.11 12.57
CA ASN C 311 17.75 4.25 13.21
C ASN C 311 17.98 5.28 12.10
N SER C 312 18.85 4.91 11.16
CA SER C 312 19.26 5.72 9.99
C SER C 312 19.66 4.79 8.84
N TYR C 313 19.01 4.90 7.69
CA TYR C 313 19.36 4.16 6.46
C TYR C 313 19.58 5.17 5.32
N THR C 314 20.65 4.98 4.57
CA THR C 314 20.91 5.69 3.29
C THR C 314 21.22 4.62 2.25
N THR C 315 20.60 4.72 1.07
CA THR C 315 20.72 3.73 -0.02
C THR C 315 22.15 3.77 -0.54
N THR C 316 22.59 2.70 -1.22
CA THR C 316 23.90 2.56 -1.90
C THR C 316 23.72 2.68 -3.43
N ILE C 317 22.47 2.77 -3.92
CA ILE C 317 22.12 2.92 -5.36
C ILE C 317 22.61 4.28 -5.88
O1 JW9 D . 18.17 -19.46 -7.79
C34 JW9 D . 17.35 -20.56 -7.81
C33 JW9 D . 17.83 -21.85 -8.11
C32 JW9 D . 16.94 -22.94 -8.14
C35 JW9 D . 15.99 -20.33 -7.53
C36 JW9 D . 15.11 -21.42 -7.56
C31 JW9 D . 15.56 -22.72 -7.87
C22 JW9 D . 14.52 -23.85 -7.88
N1 JW9 D . 13.93 -24.16 -9.25
C23 JW9 D . 15.07 -24.49 -10.17
C20 JW9 D . 12.86 -25.26 -9.27
C21 JW9 D . 12.20 -25.51 -10.65
C5 JW9 D . 11.69 -25.14 -8.29
C4 JW9 D . 10.81 -24.03 -8.29
C3 JW9 D . 9.71 -23.92 -7.41
C2 JW9 D . 9.43 -24.90 -6.47
C1 JW9 D . 10.24 -26.03 -6.39
C6 JW9 D . 11.41 -26.23 -7.31
C14 JW9 D . 9.95 -27.00 -5.46
C13 JW9 D . 10.78 -28.13 -5.43
C12 JW9 D . 11.88 -28.31 -6.28
C11 JW9 D . 12.19 -27.38 -7.23
ZN ZN E . -12.93 -16.62 1.98
C1 EDO F . 18.53 -27.61 -20.99
O1 EDO F . 19.43 -28.71 -20.85
C2 EDO F . 17.57 -27.71 -22.12
O2 EDO F . 18.17 -27.84 -23.40
O1 JW9 G . -3.76 1.86 0.21
C34 JW9 G . -4.64 1.10 -0.41
C33 JW9 G . -4.68 1.14 -1.80
C32 JW9 G . -5.58 0.36 -2.51
C35 JW9 G . -5.51 0.31 0.32
C36 JW9 G . -6.43 -0.47 -0.40
C31 JW9 G . -6.48 -0.43 -1.81
C22 JW9 G . -7.48 -1.32 -2.56
N1 JW9 G . -8.70 -0.66 -3.12
C23 JW9 G . -8.24 0.38 -4.09
C20 JW9 G . -9.75 -1.64 -3.71
C21 JW9 G . -11.15 -1.05 -3.88
C5 JW9 G . -9.99 -2.86 -2.87
C4 JW9 G . -10.53 -2.73 -1.59
C3 JW9 G . -10.78 -3.85 -0.82
C2 JW9 G . -10.47 -5.14 -1.25
C1 JW9 G . -9.92 -5.35 -2.50
C6 JW9 G . -9.67 -4.22 -3.40
C14 JW9 G . -9.59 -6.60 -2.96
C13 JW9 G . -9.05 -6.80 -4.21
C12 JW9 G . -8.82 -5.73 -5.04
C11 JW9 G . -9.12 -4.46 -4.62
ZN ZN H . -23.61 -20.43 17.12
CL CL I . -19.66 21.59 5.36
C1 GOL J . -12.95 15.58 15.45
O1 GOL J . -11.97 15.90 16.44
C2 GOL J . -13.87 16.75 15.14
O2 GOL J . -13.51 17.34 13.87
C3 GOL J . -13.92 17.78 16.26
O3 GOL J . -15.23 17.98 16.81
C1 EDO K . -3.27 14.20 11.28
O1 EDO K . -2.26 13.18 11.30
C2 EDO K . -4.03 14.30 10.01
O2 EDO K . -3.18 14.49 8.90
C1 EDO L . -12.44 9.04 -11.87
O1 EDO L . -12.29 7.98 -12.81
C2 EDO L . -13.78 9.14 -11.21
O2 EDO L . -14.72 10.00 -11.83
C1 EDO M . -30.42 -2.91 -3.90
O1 EDO M . -30.15 -2.85 -2.49
C2 EDO M . -29.81 -4.08 -4.60
O2 EDO M . -30.77 -5.02 -5.06
O1 JW9 N . -13.13 -3.12 10.30
C34 JW9 N . -12.26 -3.93 9.64
C33 JW9 N . -12.25 -5.27 9.96
C32 JW9 N . -11.35 -6.10 9.31
C35 JW9 N . -11.41 -3.36 8.68
C36 JW9 N . -10.50 -4.20 8.01
C31 JW9 N . -10.46 -5.57 8.34
C22 JW9 N . -9.50 -6.47 7.58
N1 JW9 N . -8.16 -6.68 8.22
C23 JW9 N . -8.38 -7.10 9.64
C20 JW9 N . -7.19 -7.58 7.43
C21 JW9 N . -5.80 -7.41 8.04
C5 JW9 N . -7.08 -7.30 5.94
C4 JW9 N . -6.35 -6.18 5.48
C3 JW9 N . -6.20 -5.83 4.11
C2 JW9 N . -6.79 -6.57 3.09
C1 JW9 N . -7.56 -7.67 3.42
C6 JW9 N . -7.75 -8.10 4.85
C14 JW9 N . -8.13 -8.39 2.40
C13 JW9 N . -8.92 -9.49 2.74
C12 JW9 N . -9.08 -9.90 4.07
C11 JW9 N . -8.51 -9.21 5.13
ZN ZN O . 6.06 8.39 -15.76
C1 EDO P . -4.49 -11.95 19.85
O1 EDO P . -4.88 -13.24 19.40
C2 EDO P . -3.04 -11.64 19.68
O2 EDO P . -2.28 -11.80 20.86
#